data_1L1W
# 
_entry.id   1L1W 
# 
_audit_conform.dict_name       mmcif_pdbx.dic 
_audit_conform.dict_version    5.392 
_audit_conform.dict_location   http://mmcif.pdb.org/dictionaries/ascii/mmcif_pdbx.dic 
# 
loop_
_database_2.database_id 
_database_2.database_code 
_database_2.pdbx_database_accession 
_database_2.pdbx_DOI 
PDB   1L1W         pdb_00001l1w 10.2210/pdb1l1w/pdb 
RCSB  RCSB015570   ?            ?                   
WWPDB D_1000015570 ?            ?                   
# 
loop_
_pdbx_audit_revision_history.ordinal 
_pdbx_audit_revision_history.data_content_type 
_pdbx_audit_revision_history.major_revision 
_pdbx_audit_revision_history.minor_revision 
_pdbx_audit_revision_history.revision_date 
1 'Structure model' 1 0 2002-05-22 
2 'Structure model' 1 1 2008-04-28 
3 'Structure model' 1 2 2011-07-13 
4 'Structure model' 1 3 2022-02-23 
5 'Structure model' 1 4 2024-05-22 
# 
_pdbx_audit_revision_details.ordinal             1 
_pdbx_audit_revision_details.revision_ordinal    1 
_pdbx_audit_revision_details.data_content_type   'Structure model' 
_pdbx_audit_revision_details.provider            repository 
_pdbx_audit_revision_details.type                'Initial release' 
_pdbx_audit_revision_details.description         ? 
_pdbx_audit_revision_details.details             ? 
# 
loop_
_pdbx_audit_revision_group.ordinal 
_pdbx_audit_revision_group.revision_ordinal 
_pdbx_audit_revision_group.data_content_type 
_pdbx_audit_revision_group.group 
1 2 'Structure model' 'Version format compliance' 
2 3 'Structure model' 'Version format compliance' 
3 4 'Structure model' 'Data collection'           
4 4 'Structure model' 'Database references'       
5 4 'Structure model' 'Derived calculations'      
6 5 'Structure model' 'Data collection'           
# 
loop_
_pdbx_audit_revision_category.ordinal 
_pdbx_audit_revision_category.revision_ordinal 
_pdbx_audit_revision_category.data_content_type 
_pdbx_audit_revision_category.category 
1 4 'Structure model' database_2            
2 4 'Structure model' pdbx_nmr_software     
3 4 'Structure model' pdbx_struct_assembly  
4 4 'Structure model' pdbx_struct_oper_list 
5 5 'Structure model' chem_comp_atom        
6 5 'Structure model' chem_comp_bond        
# 
loop_
_pdbx_audit_revision_item.ordinal 
_pdbx_audit_revision_item.revision_ordinal 
_pdbx_audit_revision_item.data_content_type 
_pdbx_audit_revision_item.item 
1 4 'Structure model' '_database_2.pdbx_DOI'                
2 4 'Structure model' '_database_2.pdbx_database_accession' 
3 4 'Structure model' '_pdbx_nmr_software.name'             
# 
_pdbx_database_status.status_code                     REL 
_pdbx_database_status.entry_id                        1L1W 
_pdbx_database_status.recvd_initial_deposition_date   2002-02-20 
_pdbx_database_status.deposit_site                    RCSB 
_pdbx_database_status.process_site                    RCSB 
_pdbx_database_status.status_code_mr                  REL 
_pdbx_database_status.SG_entry                        . 
_pdbx_database_status.pdb_format_compatible           Y 
_pdbx_database_status.status_code_sf                  ? 
_pdbx_database_status.status_code_cs                  ? 
_pdbx_database_status.status_code_nmr_data            ? 
_pdbx_database_status.methods_development_category    ? 
# 
loop_
_audit_author.name 
_audit_author.pdbx_ordinal 
'Sakamoto, T.' 1 
'Morita, S.'   2 
'Tabata, K.'   3 
'Nakamura, K.' 4 
'Kawai, G.'    5 
# 
_citation.id                        primary 
_citation.title                     'Solution structure of a SRP19 binding domain in human SRP RNA.' 
_citation.journal_abbrev            'J.Biochem.(Tokyo)' 
_citation.journal_volume            132 
_citation.page_first                177 
_citation.page_last                 182 
_citation.year                      2002 
_citation.journal_id_ASTM           JOBIAO 
_citation.country                   JA 
_citation.journal_id_ISSN           0021-924X 
_citation.journal_id_CSD            0418 
_citation.book_publisher            ? 
_citation.pdbx_database_id_PubMed   12153712 
_citation.pdbx_database_id_DOI      ? 
# 
loop_
_citation_author.citation_id 
_citation_author.name 
_citation_author.ordinal 
_citation_author.identifier_ORCID 
primary 'Sakamoto, T.' 1 ? 
primary 'Morita, S.'   2 ? 
primary 'Tabata, K.'   3 ? 
primary 'Nakamura, K.' 4 ? 
primary 'Kawai, G.'    5 ? 
# 
_entity.id                         1 
_entity.type                       polymer 
_entity.src_method                 syn 
_entity.pdbx_description           'SRP19 binding domain of SRP RNA' 
_entity.formula_weight             9407.692 
_entity.pdbx_number_of_molecules   1 
_entity.pdbx_ec                    ? 
_entity.pdbx_mutation              ? 
_entity.pdbx_fragment              ? 
_entity.details                    'helix 6' 
# 
_entity_poly.entity_id                      1 
_entity_poly.type                           polyribonucleotide 
_entity_poly.nstd_linkage                   no 
_entity_poly.nstd_monomer                   no 
_entity_poly.pdbx_seq_one_letter_code       GGUGACCUCCCGGGAGCGGGGGACCACCA 
_entity_poly.pdbx_seq_one_letter_code_can   GGUGACCUCCCGGGAGCGGGGGACCACCA 
_entity_poly.pdbx_strand_id                 A 
_entity_poly.pdbx_target_identifier         ? 
# 
loop_
_entity_poly_seq.entity_id 
_entity_poly_seq.num 
_entity_poly_seq.mon_id 
_entity_poly_seq.hetero 
1 1  G n 
1 2  G n 
1 3  U n 
1 4  G n 
1 5  A n 
1 6  C n 
1 7  C n 
1 8  U n 
1 9  C n 
1 10 C n 
1 11 C n 
1 12 G n 
1 13 G n 
1 14 G n 
1 15 A n 
1 16 G n 
1 17 C n 
1 18 G n 
1 19 G n 
1 20 G n 
1 21 G n 
1 22 G n 
1 23 A n 
1 24 C n 
1 25 C n 
1 26 A n 
1 27 C n 
1 28 C n 
1 29 A n 
# 
_pdbx_entity_src_syn.entity_id              1 
_pdbx_entity_src_syn.pdbx_src_id            1 
_pdbx_entity_src_syn.pdbx_alt_source_flag   sample 
_pdbx_entity_src_syn.pdbx_beg_seq_num       ? 
_pdbx_entity_src_syn.pdbx_end_seq_num       ? 
_pdbx_entity_src_syn.organism_scientific    ? 
_pdbx_entity_src_syn.organism_common_name   ? 
_pdbx_entity_src_syn.ncbi_taxonomy_id       ? 
_pdbx_entity_src_syn.details                'This sequence is found naturally in Homo sapiens (humans).' 
# 
loop_
_chem_comp.id 
_chem_comp.type 
_chem_comp.mon_nstd_flag 
_chem_comp.name 
_chem_comp.pdbx_synonyms 
_chem_comp.formula 
_chem_comp.formula_weight 
A 'RNA linking' y "ADENOSINE-5'-MONOPHOSPHATE" ? 'C10 H14 N5 O7 P' 347.221 
C 'RNA linking' y "CYTIDINE-5'-MONOPHOSPHATE"  ? 'C9 H14 N3 O8 P'  323.197 
G 'RNA linking' y "GUANOSINE-5'-MONOPHOSPHATE" ? 'C10 H14 N5 O8 P' 363.221 
U 'RNA linking' y "URIDINE-5'-MONOPHOSPHATE"   ? 'C9 H13 N2 O9 P'  324.181 
# 
loop_
_pdbx_poly_seq_scheme.asym_id 
_pdbx_poly_seq_scheme.entity_id 
_pdbx_poly_seq_scheme.seq_id 
_pdbx_poly_seq_scheme.mon_id 
_pdbx_poly_seq_scheme.ndb_seq_num 
_pdbx_poly_seq_scheme.pdb_seq_num 
_pdbx_poly_seq_scheme.auth_seq_num 
_pdbx_poly_seq_scheme.pdb_mon_id 
_pdbx_poly_seq_scheme.auth_mon_id 
_pdbx_poly_seq_scheme.pdb_strand_id 
_pdbx_poly_seq_scheme.pdb_ins_code 
_pdbx_poly_seq_scheme.hetero 
A 1 1  G 1  1  1  G G A . n 
A 1 2  G 2  2  2  G G A . n 
A 1 3  U 3  3  3  U U A . n 
A 1 4  G 4  4  4  G G A . n 
A 1 5  A 5  5  5  A A A . n 
A 1 6  C 6  6  6  C C A . n 
A 1 7  C 7  7  7  C C A . n 
A 1 8  U 8  8  8  U U A . n 
A 1 9  C 9  9  9  C C A . n 
A 1 10 C 10 10 10 C C A . n 
A 1 11 C 11 11 11 C C A . n 
A 1 12 G 12 12 12 G G A . n 
A 1 13 G 13 13 13 G G A . n 
A 1 14 G 14 14 14 G G A . n 
A 1 15 A 15 15 15 A A A . n 
A 1 16 G 16 16 16 G G A . n 
A 1 17 C 17 17 17 C C A . n 
A 1 18 G 18 18 18 G G A . n 
A 1 19 G 19 19 19 G G A . n 
A 1 20 G 20 20 20 G G A . n 
A 1 21 G 21 21 21 G G A . n 
A 1 22 G 22 22 22 G G A . n 
A 1 23 A 23 23 23 A A A . n 
A 1 24 C 24 24 24 C C A . n 
A 1 25 C 25 25 25 C C A . n 
A 1 26 A 26 26 26 A A A . n 
A 1 27 C 27 27 27 C C A . n 
A 1 28 C 28 28 28 C C A . n 
A 1 29 A 29 29 29 A A A . n 
# 
_exptl.entry_id          1L1W 
_exptl.method            'SOLUTION NMR' 
_exptl.crystals_number   ? 
# 
_exptl_crystal.id                    1 
_exptl_crystal.density_meas          ? 
_exptl_crystal.density_Matthews      ? 
_exptl_crystal.density_percent_sol   ? 
_exptl_crystal.description           ? 
# 
_diffrn.id                     1 
_diffrn.ambient_temp           ? 
_diffrn.ambient_temp_details   ? 
_diffrn.crystal_id             1 
# 
_diffrn_radiation.diffrn_id                        1 
_diffrn_radiation.wavelength_id                    1 
_diffrn_radiation.pdbx_monochromatic_or_laue_m_l   M 
_diffrn_radiation.monochromator                    ? 
_diffrn_radiation.pdbx_diffrn_protocol             'SINGLE WAVELENGTH' 
_diffrn_radiation.pdbx_scattering_type             ? 
# 
_diffrn_radiation_wavelength.id           1 
_diffrn_radiation_wavelength.wavelength   . 
_diffrn_radiation_wavelength.wt           1.0 
# 
_struct.entry_id                  1L1W 
_struct.title                     'NMR structure of a SRP19 binding domain in human SRP RNA' 
_struct.pdbx_model_details        ? 
_struct.pdbx_CASP_flag            ? 
_struct.pdbx_model_type_details   'minimized average' 
# 
_struct_keywords.entry_id        1L1W 
_struct_keywords.pdbx_keywords   RNA 
_struct_keywords.text            'RNA hairpin, tetraloop, GNRR, mismatch, RNA' 
# 
_struct_asym.id                            A 
_struct_asym.pdbx_blank_PDB_chainid_flag   N 
_struct_asym.pdbx_modified                 N 
_struct_asym.entity_id                     1 
_struct_asym.details                       ? 
# 
_struct_ref.id                         1 
_struct_ref.entity_id                  1 
_struct_ref.db_name                    PDB 
_struct_ref.db_code                    1L1W 
_struct_ref.pdbx_db_accession          1L1W 
_struct_ref.pdbx_db_isoform            ? 
_struct_ref.pdbx_seq_one_letter_code   ? 
_struct_ref.pdbx_align_begin           ? 
# 
_struct_ref_seq.align_id                      1 
_struct_ref_seq.ref_id                        1 
_struct_ref_seq.pdbx_PDB_id_code              1L1W 
_struct_ref_seq.pdbx_strand_id                A 
_struct_ref_seq.seq_align_beg                 1 
_struct_ref_seq.pdbx_seq_align_beg_ins_code   ? 
_struct_ref_seq.seq_align_end                 29 
_struct_ref_seq.pdbx_seq_align_end_ins_code   ? 
_struct_ref_seq.pdbx_db_accession             1L1W 
_struct_ref_seq.db_align_beg                  1 
_struct_ref_seq.pdbx_db_align_beg_ins_code    ? 
_struct_ref_seq.db_align_end                  29 
_struct_ref_seq.pdbx_db_align_end_ins_code    ? 
_struct_ref_seq.pdbx_auth_seq_align_beg       1 
_struct_ref_seq.pdbx_auth_seq_align_end       29 
# 
_pdbx_struct_assembly.id                   1 
_pdbx_struct_assembly.details              author_defined_assembly 
_pdbx_struct_assembly.method_details       ? 
_pdbx_struct_assembly.oligomeric_details   monomeric 
_pdbx_struct_assembly.oligomeric_count     1 
# 
_pdbx_struct_assembly_gen.assembly_id       1 
_pdbx_struct_assembly_gen.oper_expression   1 
_pdbx_struct_assembly_gen.asym_id_list      A 
# 
_pdbx_struct_oper_list.id                   1 
_pdbx_struct_oper_list.type                 'identity operation' 
_pdbx_struct_oper_list.name                 1_555 
_pdbx_struct_oper_list.symmetry_operation   x,y,z 
_pdbx_struct_oper_list.matrix[1][1]         1.0000000000 
_pdbx_struct_oper_list.matrix[1][2]         0.0000000000 
_pdbx_struct_oper_list.matrix[1][3]         0.0000000000 
_pdbx_struct_oper_list.vector[1]            0.0000000000 
_pdbx_struct_oper_list.matrix[2][1]         0.0000000000 
_pdbx_struct_oper_list.matrix[2][2]         1.0000000000 
_pdbx_struct_oper_list.matrix[2][3]         0.0000000000 
_pdbx_struct_oper_list.vector[2]            0.0000000000 
_pdbx_struct_oper_list.matrix[3][1]         0.0000000000 
_pdbx_struct_oper_list.matrix[3][2]         0.0000000000 
_pdbx_struct_oper_list.matrix[3][3]         1.0000000000 
_pdbx_struct_oper_list.vector[3]            0.0000000000 
# 
_struct_biol.id   1 
# 
loop_
_struct_conn.id 
_struct_conn.conn_type_id 
_struct_conn.pdbx_leaving_atom_flag 
_struct_conn.pdbx_PDB_id 
_struct_conn.ptnr1_label_asym_id 
_struct_conn.ptnr1_label_comp_id 
_struct_conn.ptnr1_label_seq_id 
_struct_conn.ptnr1_label_atom_id 
_struct_conn.pdbx_ptnr1_label_alt_id 
_struct_conn.pdbx_ptnr1_PDB_ins_code 
_struct_conn.pdbx_ptnr1_standard_comp_id 
_struct_conn.ptnr1_symmetry 
_struct_conn.ptnr2_label_asym_id 
_struct_conn.ptnr2_label_comp_id 
_struct_conn.ptnr2_label_seq_id 
_struct_conn.ptnr2_label_atom_id 
_struct_conn.pdbx_ptnr2_label_alt_id 
_struct_conn.pdbx_ptnr2_PDB_ins_code 
_struct_conn.ptnr1_auth_asym_id 
_struct_conn.ptnr1_auth_comp_id 
_struct_conn.ptnr1_auth_seq_id 
_struct_conn.ptnr2_auth_asym_id 
_struct_conn.ptnr2_auth_comp_id 
_struct_conn.ptnr2_auth_seq_id 
_struct_conn.ptnr2_symmetry 
_struct_conn.pdbx_ptnr3_label_atom_id 
_struct_conn.pdbx_ptnr3_label_seq_id 
_struct_conn.pdbx_ptnr3_label_comp_id 
_struct_conn.pdbx_ptnr3_label_asym_id 
_struct_conn.pdbx_ptnr3_label_alt_id 
_struct_conn.pdbx_ptnr3_PDB_ins_code 
_struct_conn.details 
_struct_conn.pdbx_dist_value 
_struct_conn.pdbx_value_order 
_struct_conn.pdbx_role 
hydrog1  hydrog ? ? A G 1  N1 ? ? ? 1_555 A C 28 N3 ? ? A G 1  A C 28 1_555 ? ? ? ? ? ? WATSON-CRICK  ? ? ? 
hydrog2  hydrog ? ? A G 1  N2 ? ? ? 1_555 A C 28 O2 ? ? A G 1  A C 28 1_555 ? ? ? ? ? ? WATSON-CRICK  ? ? ? 
hydrog3  hydrog ? ? A G 1  O6 ? ? ? 1_555 A C 28 N4 ? ? A G 1  A C 28 1_555 ? ? ? ? ? ? WATSON-CRICK  ? ? ? 
hydrog4  hydrog ? ? A G 2  N1 ? ? ? 1_555 A C 27 N3 ? ? A G 2  A C 27 1_555 ? ? ? ? ? ? WATSON-CRICK  ? ? ? 
hydrog5  hydrog ? ? A G 2  N2 ? ? ? 1_555 A C 27 O2 ? ? A G 2  A C 27 1_555 ? ? ? ? ? ? WATSON-CRICK  ? ? ? 
hydrog6  hydrog ? ? A G 2  O6 ? ? ? 1_555 A C 27 N4 ? ? A G 2  A C 27 1_555 ? ? ? ? ? ? WATSON-CRICK  ? ? ? 
hydrog7  hydrog ? ? A U 3  N3 ? ? ? 1_555 A A 26 N1 ? ? A U 3  A A 26 1_555 ? ? ? ? ? ? WATSON-CRICK  ? ? ? 
hydrog8  hydrog ? ? A U 3  O4 ? ? ? 1_555 A A 26 N6 ? ? A U 3  A A 26 1_555 ? ? ? ? ? ? WATSON-CRICK  ? ? ? 
hydrog9  hydrog ? ? A G 4  N1 ? ? ? 1_555 A C 25 N3 ? ? A G 4  A C 25 1_555 ? ? ? ? ? ? WATSON-CRICK  ? ? ? 
hydrog10 hydrog ? ? A G 4  N2 ? ? ? 1_555 A C 25 O2 ? ? A G 4  A C 25 1_555 ? ? ? ? ? ? WATSON-CRICK  ? ? ? 
hydrog11 hydrog ? ? A G 4  O6 ? ? ? 1_555 A C 25 N4 ? ? A G 4  A C 25 1_555 ? ? ? ? ? ? WATSON-CRICK  ? ? ? 
hydrog12 hydrog ? ? A A 5  N6 ? ? ? 1_555 A C 24 N3 ? ? A A 5  A C 24 1_555 ? ? ? ? ? ? 'A-C MISPAIR' ? ? ? 
hydrog13 hydrog ? ? A C 6  N3 ? ? ? 1_555 A A 23 N6 ? ? A C 6  A A 23 1_555 ? ? ? ? ? ? 'C-A MISPAIR' ? ? ? 
hydrog14 hydrog ? ? A C 7  N3 ? ? ? 1_555 A G 22 N1 ? ? A C 7  A G 22 1_555 ? ? ? ? ? ? WATSON-CRICK  ? ? ? 
hydrog15 hydrog ? ? A C 7  N4 ? ? ? 1_555 A G 22 O6 ? ? A C 7  A G 22 1_555 ? ? ? ? ? ? WATSON-CRICK  ? ? ? 
hydrog16 hydrog ? ? A C 7  O2 ? ? ? 1_555 A G 22 N2 ? ? A C 7  A G 22 1_555 ? ? ? ? ? ? WATSON-CRICK  ? ? ? 
hydrog17 hydrog ? ? A U 8  N3 ? ? ? 1_555 A G 21 O6 ? ? A U 8  A G 21 1_555 ? ? ? ? ? ? TYPE_28_PAIR  ? ? ? 
hydrog18 hydrog ? ? A U 8  O2 ? ? ? 1_555 A G 21 N1 ? ? A U 8  A G 21 1_555 ? ? ? ? ? ? TYPE_28_PAIR  ? ? ? 
hydrog19 hydrog ? ? A C 9  N3 ? ? ? 1_555 A G 20 N1 ? ? A C 9  A G 20 1_555 ? ? ? ? ? ? WATSON-CRICK  ? ? ? 
hydrog20 hydrog ? ? A C 9  N4 ? ? ? 1_555 A G 20 O6 ? ? A C 9  A G 20 1_555 ? ? ? ? ? ? WATSON-CRICK  ? ? ? 
hydrog21 hydrog ? ? A C 9  O2 ? ? ? 1_555 A G 20 N2 ? ? A C 9  A G 20 1_555 ? ? ? ? ? ? WATSON-CRICK  ? ? ? 
hydrog22 hydrog ? ? A C 10 N3 ? ? ? 1_555 A G 19 N1 ? ? A C 10 A G 19 1_555 ? ? ? ? ? ? WATSON-CRICK  ? ? ? 
hydrog23 hydrog ? ? A C 10 N4 ? ? ? 1_555 A G 19 O6 ? ? A C 10 A G 19 1_555 ? ? ? ? ? ? WATSON-CRICK  ? ? ? 
hydrog24 hydrog ? ? A C 10 O2 ? ? ? 1_555 A G 19 N2 ? ? A C 10 A G 19 1_555 ? ? ? ? ? ? WATSON-CRICK  ? ? ? 
hydrog25 hydrog ? ? A C 11 N3 ? ? ? 1_555 A G 18 N1 ? ? A C 11 A G 18 1_555 ? ? ? ? ? ? WATSON-CRICK  ? ? ? 
hydrog26 hydrog ? ? A C 11 N4 ? ? ? 1_555 A G 18 O6 ? ? A C 11 A G 18 1_555 ? ? ? ? ? ? WATSON-CRICK  ? ? ? 
hydrog27 hydrog ? ? A C 11 O2 ? ? ? 1_555 A G 18 N2 ? ? A C 11 A G 18 1_555 ? ? ? ? ? ? WATSON-CRICK  ? ? ? 
hydrog28 hydrog ? ? A G 12 N1 ? ? ? 1_555 A G 16 O6 ? ? A G 12 A G 16 1_555 ? ? ? ? ? ? 'G-G MISPAIR' ? ? ? 
hydrog29 hydrog ? ? A G 12 N1 ? ? ? 1_555 A C 17 N3 ? ? A G 12 A C 17 1_555 ? ? ? ? ? ? WATSON-CRICK  ? ? ? 
hydrog30 hydrog ? ? A G 12 N2 ? ? ? 1_555 A C 17 O2 ? ? A G 12 A C 17 1_555 ? ? ? ? ? ? WATSON-CRICK  ? ? ? 
hydrog31 hydrog ? ? A G 12 O6 ? ? ? 1_555 A C 17 N4 ? ? A G 12 A C 17 1_555 ? ? ? ? ? ? WATSON-CRICK  ? ? ? 
hydrog32 hydrog ? ? A G 13 N2 ? ? ? 1_555 A G 16 O6 ? ? A G 13 A G 16 1_555 ? ? ? ? ? ? 'G-G MISPAIR' ? ? ? 
# 
_struct_conn_type.id          hydrog 
_struct_conn_type.criteria    ? 
_struct_conn_type.reference   ? 
# 
loop_
_pdbx_validate_rmsd_angle.id 
_pdbx_validate_rmsd_angle.PDB_model_num 
_pdbx_validate_rmsd_angle.auth_atom_id_1 
_pdbx_validate_rmsd_angle.auth_asym_id_1 
_pdbx_validate_rmsd_angle.auth_comp_id_1 
_pdbx_validate_rmsd_angle.auth_seq_id_1 
_pdbx_validate_rmsd_angle.PDB_ins_code_1 
_pdbx_validate_rmsd_angle.label_alt_id_1 
_pdbx_validate_rmsd_angle.auth_atom_id_2 
_pdbx_validate_rmsd_angle.auth_asym_id_2 
_pdbx_validate_rmsd_angle.auth_comp_id_2 
_pdbx_validate_rmsd_angle.auth_seq_id_2 
_pdbx_validate_rmsd_angle.PDB_ins_code_2 
_pdbx_validate_rmsd_angle.label_alt_id_2 
_pdbx_validate_rmsd_angle.auth_atom_id_3 
_pdbx_validate_rmsd_angle.auth_asym_id_3 
_pdbx_validate_rmsd_angle.auth_comp_id_3 
_pdbx_validate_rmsd_angle.auth_seq_id_3 
_pdbx_validate_rmsd_angle.PDB_ins_code_3 
_pdbx_validate_rmsd_angle.label_alt_id_3 
_pdbx_validate_rmsd_angle.angle_value 
_pdbx_validate_rmsd_angle.angle_target_value 
_pdbx_validate_rmsd_angle.angle_deviation 
_pdbx_validate_rmsd_angle.angle_standard_deviation 
_pdbx_validate_rmsd_angle.linker_flag 
1  1 "O4'" A U 3  ? ? "C1'" A U 3  ? ? N1 A U 3  ? ? 114.84 108.50 6.34 0.70 N 
2  1 "O4'" A C 6  ? ? "C1'" A C 6  ? ? N1 A C 6  ? ? 113.57 108.50 5.07 0.70 N 
3  1 "O4'" A C 7  ? ? "C1'" A C 7  ? ? N1 A C 7  ? ? 113.51 108.50 5.01 0.70 N 
4  1 "O4'" A U 8  ? ? "C1'" A U 8  ? ? N1 A U 8  ? ? 113.03 108.50 4.53 0.70 N 
5  1 "O4'" A C 9  ? ? "C1'" A C 9  ? ? N1 A C 9  ? ? 112.96 108.50 4.46 0.70 N 
6  1 "O4'" A C 10 ? ? "C1'" A C 10 ? ? N1 A C 10 ? ? 113.27 108.50 4.77 0.70 N 
7  1 "O4'" A C 11 ? ? "C1'" A C 11 ? ? N1 A C 11 ? ? 113.83 108.50 5.33 0.70 N 
8  1 "O4'" A A 15 ? ? "C1'" A A 15 ? ? N9 A A 15 ? ? 112.99 108.50 4.49 0.70 N 
9  1 "O4'" A G 16 ? ? "C1'" A G 16 ? ? N9 A G 16 ? ? 113.28 108.50 4.78 0.70 N 
10 1 "O4'" A C 24 ? ? "C1'" A C 24 ? ? N1 A C 24 ? ? 112.84 108.50 4.34 0.70 N 
11 1 "O4'" A C 25 ? ? "C1'" A C 25 ? ? N1 A C 25 ? ? 114.38 108.50 5.88 0.70 N 
# 
loop_
_pdbx_validate_planes.id 
_pdbx_validate_planes.PDB_model_num 
_pdbx_validate_planes.auth_comp_id 
_pdbx_validate_planes.auth_asym_id 
_pdbx_validate_planes.auth_seq_id 
_pdbx_validate_planes.PDB_ins_code 
_pdbx_validate_planes.label_alt_id 
_pdbx_validate_planes.rmsd 
_pdbx_validate_planes.type 
1 1 G A 1  ? ? 0.065 'SIDE CHAIN' 
2 1 G A 14 ? ? 0.063 'SIDE CHAIN' 
3 1 A A 23 ? ? 0.062 'SIDE CHAIN' 
4 1 C A 27 ? ? 0.062 'SIDE CHAIN' 
# 
_pdbx_nmr_ensemble.entry_id                             1L1W 
_pdbx_nmr_ensemble.conformers_calculated_total_number   ? 
_pdbx_nmr_ensemble.conformers_submitted_total_number    1 
_pdbx_nmr_ensemble.conformer_selection_criteria         ? 
# 
_pdbx_nmr_representative.entry_id             1L1W 
_pdbx_nmr_representative.conformer_id         ? 
_pdbx_nmr_representative.selection_criteria   'minimized average structure' 
# 
loop_
_pdbx_nmr_sample_details.solution_id 
_pdbx_nmr_sample_details.contents 
_pdbx_nmr_sample_details.solvent_system 
1 '0.5mM RNA fragment; 20mM phosphate buffer NA; 95% H2O, 5% D2O'                              '95% H2O/5% D2O' 
2 '0.5mM RNA fragment; 20mM phosphate buffer NA; 100% D2O'                                     '100% D2O'       
3 '0.5mM RNA fragment U-15N,13C-Guanosine,Cytidine; 20mM phosphate buffer NA; 95% H2O, 5% D2O' '95% H2O/5% D2O' 
4 '0.5mM RNA fragment U-15N,13C-Guanosine,Cytidine; 20mM phosphate buffer NA; 100% D2O'        '100% D2O'       
5 '0.5mM RNA fragment U-15N,13C-Guanosine,Uridine; 20mM phosphate buffer NA; 100% D2O'         '100% D2O'       
6 '0.5mM RNA fragment U-15N,13C-Adenosine,Cytidine; 20mM phosphate buffer NA; 100% D2O'        '100% D2O'       
# 
_pdbx_nmr_exptl_sample_conditions.conditions_id       1 
_pdbx_nmr_exptl_sample_conditions.temperature         298 
_pdbx_nmr_exptl_sample_conditions.pressure            ambient 
_pdbx_nmr_exptl_sample_conditions.pH                  6.5 
_pdbx_nmr_exptl_sample_conditions.ionic_strength      '50mM NaCl' 
_pdbx_nmr_exptl_sample_conditions.pressure_units      ? 
_pdbx_nmr_exptl_sample_conditions.temperature_units   K 
# 
loop_
_pdbx_nmr_exptl.experiment_id 
_pdbx_nmr_exptl.solution_id 
_pdbx_nmr_exptl.conditions_id 
_pdbx_nmr_exptl.type 
1 1 1 '2D NOESY'               
2 2 1 '2D NOESY'               
3 3 1 '2D HNN-COSY'            
4 4 1 '2D half filtered NOESY' 
5 5 1 '2D half filtered NOESY' 
6 6 1 '2D half filtered NOESY' 
7 1 1 DQF-COSY                 
8 1 1 '2D HP-COSY'             
9 1 1 '2D TOCSY'               
# 
_pdbx_nmr_refine.entry_id           1L1W 
_pdbx_nmr_refine.method             'simulated annealing' 
_pdbx_nmr_refine.details            ? 
_pdbx_nmr_refine.software_ordinal   1 
# 
loop_
_pdbx_nmr_software.name 
_pdbx_nmr_software.version 
_pdbx_nmr_software.classification 
_pdbx_nmr_software.authors 
_pdbx_nmr_software.ordinal 
XwinNMR  2.1  collection           ?      1 
VNMR     6.1B collection           ?      2 
Felix    97.0 'data analysis'      ?      3 
Discover 97.0 'structure solution' ?      4 
Discover ?    refinement           BIOSYM 5 
# 
loop_
_chem_comp_atom.comp_id 
_chem_comp_atom.atom_id 
_chem_comp_atom.type_symbol 
_chem_comp_atom.pdbx_aromatic_flag 
_chem_comp_atom.pdbx_stereo_config 
_chem_comp_atom.pdbx_ordinal 
A OP3    O N N 1   
A P      P N N 2   
A OP1    O N N 3   
A OP2    O N N 4   
A "O5'"  O N N 5   
A "C5'"  C N N 6   
A "C4'"  C N R 7   
A "O4'"  O N N 8   
A "C3'"  C N S 9   
A "O3'"  O N N 10  
A "C2'"  C N R 11  
A "O2'"  O N N 12  
A "C1'"  C N R 13  
A N9     N Y N 14  
A C8     C Y N 15  
A N7     N Y N 16  
A C5     C Y N 17  
A C6     C Y N 18  
A N6     N N N 19  
A N1     N Y N 20  
A C2     C Y N 21  
A N3     N Y N 22  
A C4     C Y N 23  
A HOP3   H N N 24  
A HOP2   H N N 25  
A "H5'"  H N N 26  
A "H5''" H N N 27  
A "H4'"  H N N 28  
A "H3'"  H N N 29  
A "HO3'" H N N 30  
A "H2'"  H N N 31  
A "HO2'" H N N 32  
A "H1'"  H N N 33  
A H8     H N N 34  
A H61    H N N 35  
A H62    H N N 36  
A H2     H N N 37  
C OP3    O N N 38  
C P      P N N 39  
C OP1    O N N 40  
C OP2    O N N 41  
C "O5'"  O N N 42  
C "C5'"  C N N 43  
C "C4'"  C N R 44  
C "O4'"  O N N 45  
C "C3'"  C N S 46  
C "O3'"  O N N 47  
C "C2'"  C N R 48  
C "O2'"  O N N 49  
C "C1'"  C N R 50  
C N1     N N N 51  
C C2     C N N 52  
C O2     O N N 53  
C N3     N N N 54  
C C4     C N N 55  
C N4     N N N 56  
C C5     C N N 57  
C C6     C N N 58  
C HOP3   H N N 59  
C HOP2   H N N 60  
C "H5'"  H N N 61  
C "H5''" H N N 62  
C "H4'"  H N N 63  
C "H3'"  H N N 64  
C "HO3'" H N N 65  
C "H2'"  H N N 66  
C "HO2'" H N N 67  
C "H1'"  H N N 68  
C H41    H N N 69  
C H42    H N N 70  
C H5     H N N 71  
C H6     H N N 72  
G OP3    O N N 73  
G P      P N N 74  
G OP1    O N N 75  
G OP2    O N N 76  
G "O5'"  O N N 77  
G "C5'"  C N N 78  
G "C4'"  C N R 79  
G "O4'"  O N N 80  
G "C3'"  C N S 81  
G "O3'"  O N N 82  
G "C2'"  C N R 83  
G "O2'"  O N N 84  
G "C1'"  C N R 85  
G N9     N Y N 86  
G C8     C Y N 87  
G N7     N Y N 88  
G C5     C Y N 89  
G C6     C N N 90  
G O6     O N N 91  
G N1     N N N 92  
G C2     C N N 93  
G N2     N N N 94  
G N3     N N N 95  
G C4     C Y N 96  
G HOP3   H N N 97  
G HOP2   H N N 98  
G "H5'"  H N N 99  
G "H5''" H N N 100 
G "H4'"  H N N 101 
G "H3'"  H N N 102 
G "HO3'" H N N 103 
G "H2'"  H N N 104 
G "HO2'" H N N 105 
G "H1'"  H N N 106 
G H8     H N N 107 
G H1     H N N 108 
G H21    H N N 109 
G H22    H N N 110 
U OP3    O N N 111 
U P      P N N 112 
U OP1    O N N 113 
U OP2    O N N 114 
U "O5'"  O N N 115 
U "C5'"  C N N 116 
U "C4'"  C N R 117 
U "O4'"  O N N 118 
U "C3'"  C N S 119 
U "O3'"  O N N 120 
U "C2'"  C N R 121 
U "O2'"  O N N 122 
U "C1'"  C N R 123 
U N1     N N N 124 
U C2     C N N 125 
U O2     O N N 126 
U N3     N N N 127 
U C4     C N N 128 
U O4     O N N 129 
U C5     C N N 130 
U C6     C N N 131 
U HOP3   H N N 132 
U HOP2   H N N 133 
U "H5'"  H N N 134 
U "H5''" H N N 135 
U "H4'"  H N N 136 
U "H3'"  H N N 137 
U "HO3'" H N N 138 
U "H2'"  H N N 139 
U "HO2'" H N N 140 
U "H1'"  H N N 141 
U H3     H N N 142 
U H5     H N N 143 
U H6     H N N 144 
# 
loop_
_chem_comp_bond.comp_id 
_chem_comp_bond.atom_id_1 
_chem_comp_bond.atom_id_2 
_chem_comp_bond.value_order 
_chem_comp_bond.pdbx_aromatic_flag 
_chem_comp_bond.pdbx_stereo_config 
_chem_comp_bond.pdbx_ordinal 
A OP3   P      sing N N 1   
A OP3   HOP3   sing N N 2   
A P     OP1    doub N N 3   
A P     OP2    sing N N 4   
A P     "O5'"  sing N N 5   
A OP2   HOP2   sing N N 6   
A "O5'" "C5'"  sing N N 7   
A "C5'" "C4'"  sing N N 8   
A "C5'" "H5'"  sing N N 9   
A "C5'" "H5''" sing N N 10  
A "C4'" "O4'"  sing N N 11  
A "C4'" "C3'"  sing N N 12  
A "C4'" "H4'"  sing N N 13  
A "O4'" "C1'"  sing N N 14  
A "C3'" "O3'"  sing N N 15  
A "C3'" "C2'"  sing N N 16  
A "C3'" "H3'"  sing N N 17  
A "O3'" "HO3'" sing N N 18  
A "C2'" "O2'"  sing N N 19  
A "C2'" "C1'"  sing N N 20  
A "C2'" "H2'"  sing N N 21  
A "O2'" "HO2'" sing N N 22  
A "C1'" N9     sing N N 23  
A "C1'" "H1'"  sing N N 24  
A N9    C8     sing Y N 25  
A N9    C4     sing Y N 26  
A C8    N7     doub Y N 27  
A C8    H8     sing N N 28  
A N7    C5     sing Y N 29  
A C5    C6     sing Y N 30  
A C5    C4     doub Y N 31  
A C6    N6     sing N N 32  
A C6    N1     doub Y N 33  
A N6    H61    sing N N 34  
A N6    H62    sing N N 35  
A N1    C2     sing Y N 36  
A C2    N3     doub Y N 37  
A C2    H2     sing N N 38  
A N3    C4     sing Y N 39  
C OP3   P      sing N N 40  
C OP3   HOP3   sing N N 41  
C P     OP1    doub N N 42  
C P     OP2    sing N N 43  
C P     "O5'"  sing N N 44  
C OP2   HOP2   sing N N 45  
C "O5'" "C5'"  sing N N 46  
C "C5'" "C4'"  sing N N 47  
C "C5'" "H5'"  sing N N 48  
C "C5'" "H5''" sing N N 49  
C "C4'" "O4'"  sing N N 50  
C "C4'" "C3'"  sing N N 51  
C "C4'" "H4'"  sing N N 52  
C "O4'" "C1'"  sing N N 53  
C "C3'" "O3'"  sing N N 54  
C "C3'" "C2'"  sing N N 55  
C "C3'" "H3'"  sing N N 56  
C "O3'" "HO3'" sing N N 57  
C "C2'" "O2'"  sing N N 58  
C "C2'" "C1'"  sing N N 59  
C "C2'" "H2'"  sing N N 60  
C "O2'" "HO2'" sing N N 61  
C "C1'" N1     sing N N 62  
C "C1'" "H1'"  sing N N 63  
C N1    C2     sing N N 64  
C N1    C6     sing N N 65  
C C2    O2     doub N N 66  
C C2    N3     sing N N 67  
C N3    C4     doub N N 68  
C C4    N4     sing N N 69  
C C4    C5     sing N N 70  
C N4    H41    sing N N 71  
C N4    H42    sing N N 72  
C C5    C6     doub N N 73  
C C5    H5     sing N N 74  
C C6    H6     sing N N 75  
G OP3   P      sing N N 76  
G OP3   HOP3   sing N N 77  
G P     OP1    doub N N 78  
G P     OP2    sing N N 79  
G P     "O5'"  sing N N 80  
G OP2   HOP2   sing N N 81  
G "O5'" "C5'"  sing N N 82  
G "C5'" "C4'"  sing N N 83  
G "C5'" "H5'"  sing N N 84  
G "C5'" "H5''" sing N N 85  
G "C4'" "O4'"  sing N N 86  
G "C4'" "C3'"  sing N N 87  
G "C4'" "H4'"  sing N N 88  
G "O4'" "C1'"  sing N N 89  
G "C3'" "O3'"  sing N N 90  
G "C3'" "C2'"  sing N N 91  
G "C3'" "H3'"  sing N N 92  
G "O3'" "HO3'" sing N N 93  
G "C2'" "O2'"  sing N N 94  
G "C2'" "C1'"  sing N N 95  
G "C2'" "H2'"  sing N N 96  
G "O2'" "HO2'" sing N N 97  
G "C1'" N9     sing N N 98  
G "C1'" "H1'"  sing N N 99  
G N9    C8     sing Y N 100 
G N9    C4     sing Y N 101 
G C8    N7     doub Y N 102 
G C8    H8     sing N N 103 
G N7    C5     sing Y N 104 
G C5    C6     sing N N 105 
G C5    C4     doub Y N 106 
G C6    O6     doub N N 107 
G C6    N1     sing N N 108 
G N1    C2     sing N N 109 
G N1    H1     sing N N 110 
G C2    N2     sing N N 111 
G C2    N3     doub N N 112 
G N2    H21    sing N N 113 
G N2    H22    sing N N 114 
G N3    C4     sing N N 115 
U OP3   P      sing N N 116 
U OP3   HOP3   sing N N 117 
U P     OP1    doub N N 118 
U P     OP2    sing N N 119 
U P     "O5'"  sing N N 120 
U OP2   HOP2   sing N N 121 
U "O5'" "C5'"  sing N N 122 
U "C5'" "C4'"  sing N N 123 
U "C5'" "H5'"  sing N N 124 
U "C5'" "H5''" sing N N 125 
U "C4'" "O4'"  sing N N 126 
U "C4'" "C3'"  sing N N 127 
U "C4'" "H4'"  sing N N 128 
U "O4'" "C1'"  sing N N 129 
U "C3'" "O3'"  sing N N 130 
U "C3'" "C2'"  sing N N 131 
U "C3'" "H3'"  sing N N 132 
U "O3'" "HO3'" sing N N 133 
U "C2'" "O2'"  sing N N 134 
U "C2'" "C1'"  sing N N 135 
U "C2'" "H2'"  sing N N 136 
U "O2'" "HO2'" sing N N 137 
U "C1'" N1     sing N N 138 
U "C1'" "H1'"  sing N N 139 
U N1    C2     sing N N 140 
U N1    C6     sing N N 141 
U C2    O2     doub N N 142 
U C2    N3     sing N N 143 
U N3    C4     sing N N 144 
U N3    H3     sing N N 145 
U C4    O4     doub N N 146 
U C4    C5     sing N N 147 
U C5    C6     doub N N 148 
U C5    H5     sing N N 149 
U C6    H6     sing N N 150 
# 
loop_
_ndb_struct_conf_na.entry_id 
_ndb_struct_conf_na.feature 
1L1W 'a-form double helix'  
1L1W 'mismatched base pair' 
# 
loop_
_ndb_struct_na_base_pair.model_number 
_ndb_struct_na_base_pair.i_label_asym_id 
_ndb_struct_na_base_pair.i_label_comp_id 
_ndb_struct_na_base_pair.i_label_seq_id 
_ndb_struct_na_base_pair.i_symmetry 
_ndb_struct_na_base_pair.j_label_asym_id 
_ndb_struct_na_base_pair.j_label_comp_id 
_ndb_struct_na_base_pair.j_label_seq_id 
_ndb_struct_na_base_pair.j_symmetry 
_ndb_struct_na_base_pair.shear 
_ndb_struct_na_base_pair.stretch 
_ndb_struct_na_base_pair.stagger 
_ndb_struct_na_base_pair.buckle 
_ndb_struct_na_base_pair.propeller 
_ndb_struct_na_base_pair.opening 
_ndb_struct_na_base_pair.pair_number 
_ndb_struct_na_base_pair.pair_name 
_ndb_struct_na_base_pair.i_auth_asym_id 
_ndb_struct_na_base_pair.i_auth_seq_id 
_ndb_struct_na_base_pair.i_PDB_ins_code 
_ndb_struct_na_base_pair.j_auth_asym_id 
_ndb_struct_na_base_pair.j_auth_seq_id 
_ndb_struct_na_base_pair.j_PDB_ins_code 
_ndb_struct_na_base_pair.hbond_type_28 
_ndb_struct_na_base_pair.hbond_type_12 
1 A G 1  1_555 A C 28 1_555 -0.890 -0.313 0.275  1.072   -17.985 -2.131 1  A_G1:C28_A  A 1  ? A 28 ? 19 1 
1 A G 2  1_555 A C 27 1_555 -0.886 -0.295 0.333  0.475   -19.818 -2.305 2  A_G2:C27_A  A 2  ? A 27 ? 19 1 
1 A U 3  1_555 A A 26 1_555 0.455  -0.173 0.511  -10.219 -13.605 -7.596 3  A_U3:A26_A  A 3  ? A 26 ? 20 1 
1 A G 4  1_555 A C 25 1_555 -1.002 -0.343 -0.089 -10.894 -23.583 -0.432 4  A_G4:C25_A  A 4  ? A 25 ? 19 1 
1 A A 5  1_555 A C 24 1_555 -1.731 -0.196 0.462  -3.077  -9.567  -2.707 5  A_A5:C24_A  A 5  ? A 24 ? ?  ? 
1 A C 6  1_555 A A 23 1_555 1.884  -0.258 0.365  -7.434  -11.412 -3.691 6  A_C6:A23_A  A 6  ? A 23 ? ?  ? 
1 A C 7  1_555 A G 22 1_555 0.681  -0.196 0.168  0.220   -17.120 -2.408 7  A_C7:G22_A  A 7  ? A 22 ? 19 1 
1 A U 8  1_555 A G 21 1_555 1.573  -0.320 0.046  3.748   -14.630 -0.498 8  A_U8:G21_A  A 8  ? A 21 ? 28 1 
1 A C 9  1_555 A G 20 1_555 0.559  -0.121 -0.256 8.035   -12.329 -1.587 9  A_C9:G20_A  A 9  ? A 20 ? 19 1 
1 A C 10 1_555 A G 19 1_555 0.617  -0.136 -0.261 6.224   -11.147 -1.581 10 A_C10:G19_A A 10 ? A 19 ? 19 1 
1 A C 11 1_555 A G 18 1_555 0.930  -0.279 -0.233 0.762   -14.096 1.064  11 A_C11:G18_A A 11 ? A 18 ? 19 1 
1 A G 12 1_555 A C 17 1_555 0.076  0.053  0.772  24.596  7.436   -3.916 12 A_G12:C17_A A 12 ? A 17 ? 19 1 
1 A G 13 1_555 A G 16 1_555 6.204  -3.213 1.985  37.157  -6.074  11.764 13 A_G13:G16_A A 13 ? A 16 ? ?  ? 
# 
loop_
_ndb_struct_na_base_pair_step.model_number 
_ndb_struct_na_base_pair_step.i_label_asym_id_1 
_ndb_struct_na_base_pair_step.i_label_comp_id_1 
_ndb_struct_na_base_pair_step.i_label_seq_id_1 
_ndb_struct_na_base_pair_step.i_symmetry_1 
_ndb_struct_na_base_pair_step.j_label_asym_id_1 
_ndb_struct_na_base_pair_step.j_label_comp_id_1 
_ndb_struct_na_base_pair_step.j_label_seq_id_1 
_ndb_struct_na_base_pair_step.j_symmetry_1 
_ndb_struct_na_base_pair_step.i_label_asym_id_2 
_ndb_struct_na_base_pair_step.i_label_comp_id_2 
_ndb_struct_na_base_pair_step.i_label_seq_id_2 
_ndb_struct_na_base_pair_step.i_symmetry_2 
_ndb_struct_na_base_pair_step.j_label_asym_id_2 
_ndb_struct_na_base_pair_step.j_label_comp_id_2 
_ndb_struct_na_base_pair_step.j_label_seq_id_2 
_ndb_struct_na_base_pair_step.j_symmetry_2 
_ndb_struct_na_base_pair_step.shift 
_ndb_struct_na_base_pair_step.slide 
_ndb_struct_na_base_pair_step.rise 
_ndb_struct_na_base_pair_step.tilt 
_ndb_struct_na_base_pair_step.roll 
_ndb_struct_na_base_pair_step.twist 
_ndb_struct_na_base_pair_step.x_displacement 
_ndb_struct_na_base_pair_step.y_displacement 
_ndb_struct_na_base_pair_step.helical_rise 
_ndb_struct_na_base_pair_step.inclination 
_ndb_struct_na_base_pair_step.tip 
_ndb_struct_na_base_pair_step.helical_twist 
_ndb_struct_na_base_pair_step.step_number 
_ndb_struct_na_base_pair_step.step_name 
_ndb_struct_na_base_pair_step.i_auth_asym_id_1 
_ndb_struct_na_base_pair_step.i_auth_seq_id_1 
_ndb_struct_na_base_pair_step.i_PDB_ins_code_1 
_ndb_struct_na_base_pair_step.j_auth_asym_id_1 
_ndb_struct_na_base_pair_step.j_auth_seq_id_1 
_ndb_struct_na_base_pair_step.j_PDB_ins_code_1 
_ndb_struct_na_base_pair_step.i_auth_asym_id_2 
_ndb_struct_na_base_pair_step.i_auth_seq_id_2 
_ndb_struct_na_base_pair_step.i_PDB_ins_code_2 
_ndb_struct_na_base_pair_step.j_auth_asym_id_2 
_ndb_struct_na_base_pair_step.j_auth_seq_id_2 
_ndb_struct_na_base_pair_step.j_PDB_ins_code_2 
1 A G 1  1_555 A C 28 1_555 A G 2  1_555 A C 27 1_555 0.371  -1.656 3.020 -1.774 7.709  30.564 -4.278 -0.966 2.513 14.324 3.296   
31.547 1  AA_G1G2:C27C28_AA   A 1  ? A 28 ? A 2  ? A 27 ? 
1 A G 2  1_555 A C 27 1_555 A U 3  1_555 A A 26 1_555 0.271  -1.513 3.325 0.682  3.210  44.622 -2.281 -0.293 3.218 4.220  -0.897  
44.736 2  AA_G2U3:A26C27_AA   A 2  ? A 27 ? A 3  ? A 26 ? 
1 A U 3  1_555 A A 26 1_555 A G 4  1_555 A C 25 1_555 -0.155 -1.646 2.901 3.041  14.312 24.300 -5.862 0.848  1.661 30.696 -6.522  
28.308 3  AA_U3G4:C25A26_AA   A 3  ? A 26 ? A 4  ? A 25 ? 
1 A G 4  1_555 A C 25 1_555 A A 5  1_555 A C 24 1_555 -0.181 -1.790 2.775 -5.227 3.106  27.118 -4.345 -0.658 2.547 6.521  10.972  
27.779 4  AA_G4A5:C24C25_AA   A 4  ? A 25 ? A 5  ? A 24 ? 
1 A A 5  1_555 A C 24 1_555 A C 6  1_555 A A 23 1_555 0.294  -1.302 3.279 3.026  6.521  48.645 -2.045 -0.130 3.103 7.866  -3.650  
49.142 5  AA_A5C6:A23C24_AA   A 5  ? A 24 ? A 6  ? A 23 ? 
1 A C 6  1_555 A A 23 1_555 A C 7  1_555 A G 22 1_555 0.157  -1.934 2.730 5.364  5.797  26.676 -5.109 0.677  2.255 12.228 -11.315 
27.801 6  AA_C6C7:G22A23_AA   A 6  ? A 23 ? A 7  ? A 22 ? 
1 A C 7  1_555 A G 22 1_555 A U 8  1_555 A G 21 1_555 0.303  -1.439 3.039 2.854  3.750  35.598 -2.823 -0.120 2.892 6.101  -4.643  
35.898 7  AA_C7U8:G21G22_AA   A 7  ? A 22 ? A 8  ? A 21 ? 
1 A U 8  1_555 A G 21 1_555 A C 9  1_555 A G 20 1_555 -0.022 -1.908 2.920 3.958  7.828  27.156 -5.326 0.780  2.267 16.146 -8.164  
28.512 8  AA_U8C9:G20G21_AA   A 8  ? A 21 ? A 9  ? A 20 ? 
1 A C 9  1_555 A G 20 1_555 A C 10 1_555 A G 19 1_555 0.123  -1.768 3.181 0.998  7.533  31.089 -4.449 -0.059 2.692 13.798 -1.828  
31.982 9  AA_C9C10:G19G20_AA  A 9  ? A 20 ? A 10 ? A 19 ? 
1 A C 10 1_555 A G 19 1_555 A C 11 1_555 A G 18 1_555 0.273  -1.752 3.231 1.997  9.459  32.168 -4.458 -0.173 2.637 16.608 -3.507  
33.553 10 AA_C10C11:G18G19_AA A 10 ? A 19 ? A 11 ? A 18 ? 
1 A C 11 1_555 A G 18 1_555 A G 12 1_555 A C 17 1_555 -0.203 -1.189 2.537 -9.464 11.895 14.179 -6.764 -2.193 1.152 36.961 29.407  
20.759 11 AA_C11G12:C17G18_AA A 11 ? A 18 ? A 12 ? A 17 ? 
1 A G 12 1_555 A C 17 1_555 A G 13 1_555 A G 16 1_555 0.027  -0.321 2.992 -2.319 15.961 55.462 -1.114 -0.142 2.808 16.759 2.434   
57.580 12 AA_G12G13:G16C17_AA A 12 ? A 17 ? A 13 ? A 16 ? 
# 
loop_
_pdbx_nmr_spectrometer.spectrometer_id 
_pdbx_nmr_spectrometer.type 
_pdbx_nmr_spectrometer.manufacturer 
_pdbx_nmr_spectrometer.model 
_pdbx_nmr_spectrometer.field_strength 
1 ? Bruker DRX   600 
2 ? Varian INOVA 800 
# 
_atom_sites.entry_id                    1L1W 
_atom_sites.fract_transf_matrix[1][1]   1.000000 
_atom_sites.fract_transf_matrix[1][2]   0.000000 
_atom_sites.fract_transf_matrix[1][3]   0.000000 
_atom_sites.fract_transf_matrix[2][1]   0.000000 
_atom_sites.fract_transf_matrix[2][2]   1.000000 
_atom_sites.fract_transf_matrix[2][3]   0.000000 
_atom_sites.fract_transf_matrix[3][1]   0.000000 
_atom_sites.fract_transf_matrix[3][2]   0.000000 
_atom_sites.fract_transf_matrix[3][3]   1.000000 
_atom_sites.fract_transf_vector[1]      0.00000 
_atom_sites.fract_transf_vector[2]      0.00000 
_atom_sites.fract_transf_vector[3]      0.00000 
# 
loop_
_atom_type.symbol 
C 
H 
N 
O 
P 
# 
loop_
_atom_site.group_PDB 
_atom_site.id 
_atom_site.type_symbol 
_atom_site.label_atom_id 
_atom_site.label_alt_id 
_atom_site.label_comp_id 
_atom_site.label_asym_id 
_atom_site.label_entity_id 
_atom_site.label_seq_id 
_atom_site.pdbx_PDB_ins_code 
_atom_site.Cartn_x 
_atom_site.Cartn_y 
_atom_site.Cartn_z 
_atom_site.occupancy 
_atom_site.B_iso_or_equiv 
_atom_site.pdbx_formal_charge 
_atom_site.auth_seq_id 
_atom_site.auth_comp_id 
_atom_site.auth_asym_id 
_atom_site.auth_atom_id 
_atom_site.pdbx_PDB_model_num 
ATOM 1   O "O5'"  . G A 1 1  ? -6.610  2.774   17.808  1.00 0.00 ? 1  G A "O5'"  1 
ATOM 2   C "C5'"  . G A 1 1  ? -5.943  3.017   16.587  1.00 0.00 ? 1  G A "C5'"  1 
ATOM 3   C "C4'"  . G A 1 1  ? -4.431  3.114   16.823  1.00 0.00 ? 1  G A "C4'"  1 
ATOM 4   O "O4'"  . G A 1 1  ? -3.897  1.881   17.269  1.00 0.00 ? 1  G A "O4'"  1 
ATOM 5   C "C3'"  . G A 1 1  ? -3.651  3.395   15.539  1.00 0.00 ? 1  G A "C3'"  1 
ATOM 6   O "O3'"  . G A 1 1  ? -3.772  4.748   15.120  1.00 0.00 ? 1  G A "O3'"  1 
ATOM 7   C "C2'"  . G A 1 1  ? -2.237  2.982   15.968  1.00 0.00 ? 1  G A "C2'"  1 
ATOM 8   O "O2'"  . G A 1 1  ? -1.537  4.057   16.572  1.00 0.00 ? 1  G A "O2'"  1 
ATOM 9   C "C1'"  . G A 1 1  ? -2.500  1.890   17.020  1.00 0.00 ? 1  G A "C1'"  1 
ATOM 10  N N9     . G A 1 1  ? -2.028  0.564   16.552  1.00 0.00 ? 1  G A N9     1 
ATOM 11  C C8     . G A 1 1  ? -2.718  -0.425  15.897  1.00 0.00 ? 1  G A C8     1 
ATOM 12  N N7     . G A 1 1  ? -2.033  -1.519  15.701  1.00 0.00 ? 1  G A N7     1 
ATOM 13  C C5     . G A 1 1  ? -0.778  -1.222  16.222  1.00 0.00 ? 1  G A C5     1 
ATOM 14  C C6     . G A 1 1  ? 0.417   -2.014  16.284  1.00 0.00 ? 1  G A C6     1 
ATOM 15  O O6     . G A 1 1  ? 0.562   -3.191  15.961  1.00 0.00 ? 1  G A O6     1 
ATOM 16  N N1     . G A 1 1  ? 1.519   -1.306  16.777  1.00 0.00 ? 1  G A N1     1 
ATOM 17  C C2     . G A 1 1  ? 1.466   0.016   17.192  1.00 0.00 ? 1  G A C2     1 
ATOM 18  N N2     . G A 1 1  ? 2.603   0.566   17.620  1.00 0.00 ? 1  G A N2     1 
ATOM 19  N N3     . G A 1 1  ? 0.334   0.746   17.180  1.00 0.00 ? 1  G A N3     1 
ATOM 20  C C4     . G A 1 1  ? -0.750  0.078   16.683  1.00 0.00 ? 1  G A C4     1 
ATOM 21  H "H5'"  . G A 1 1  ? -6.311  3.954   16.169  1.00 0.00 ? 1  G A "H5'"  1 
ATOM 22  H "H5''" . G A 1 1  ? -6.165  2.206   15.892  1.00 0.00 ? 1  G A "H5''" 1 
ATOM 23  H "H4'"  . G A 1 1  ? -4.217  3.891   17.562  1.00 0.00 ? 1  G A "H4'"  1 
ATOM 24  H "H3'"  . G A 1 1  ? -4.007  2.714   14.761  1.00 0.00 ? 1  G A "H3'"  1 
ATOM 25  H "H2'"  . G A 1 1  ? -1.674  2.610   15.113  1.00 0.00 ? 1  G A "H2'"  1 
ATOM 26  H "HO2'" . G A 1 1  ? -1.382  4.725   15.899  1.00 0.00 ? 1  G A "HO2'" 1 
ATOM 27  H "H1'"  . G A 1 1  ? -2.000  2.131   17.960  1.00 0.00 ? 1  G A "H1'"  1 
ATOM 28  H H8     . G A 1 1  ? -3.743  -0.314  15.581  1.00 0.00 ? 1  G A H8     1 
ATOM 29  H H1     . G A 1 1  ? 2.396   -1.802  16.829  1.00 0.00 ? 1  G A H1     1 
ATOM 30  H H21    . G A 1 1  ? 3.458   0.027   17.620  1.00 0.00 ? 1  G A H21    1 
ATOM 31  H H22    . G A 1 1  ? 2.602   1.525   17.932  1.00 0.00 ? 1  G A H22    1 
ATOM 32  H "HO5'" . G A 1 1  ? -6.255  1.969   18.191  1.00 0.00 ? 1  G A "HO5'" 1 
ATOM 33  P P      . G A 1 2  ? -3.147  5.275   13.725  1.00 0.00 ? 2  G A P      1 
ATOM 34  O OP1    . G A 1 2  ? -3.424  6.724   13.619  1.00 0.00 ? 2  G A OP1    1 
ATOM 35  O OP2    . G A 1 2  ? -3.600  4.361   12.651  1.00 0.00 ? 2  G A OP2    1 
ATOM 36  O "O5'"  . G A 1 2  ? -1.556  5.083   13.948  1.00 0.00 ? 2  G A "O5'"  1 
ATOM 37  C "C5'"  . G A 1 2  ? -0.716  4.504   12.964  1.00 0.00 ? 2  G A "C5'"  1 
ATOM 38  C "C4'"  . G A 1 2  ? 0.697   4.305   13.530  1.00 0.00 ? 2  G A "C4'"  1 
ATOM 39  O "O4'"  . G A 1 2  ? 0.729   3.304   14.542  1.00 0.00 ? 2  G A "O4'"  1 
ATOM 40  C "C3'"  . G A 1 2  ? 1.676   3.831   12.455  1.00 0.00 ? 2  G A "C3'"  1 
ATOM 41  O "O3'"  . G A 1 2  ? 2.141   4.907   11.650  1.00 0.00 ? 2  G A "O3'"  1 
ATOM 42  C "C2'"  . G A 1 2  ? 2.762   3.214   13.338  1.00 0.00 ? 2  G A "C2'"  1 
ATOM 43  O "O2'"  . G A 1 2  ? 3.567   4.204   13.954  1.00 0.00 ? 2  G A "O2'"  1 
ATOM 44  C "C1'"  . G A 1 2  ? 1.901   2.509   14.395  1.00 0.00 ? 2  G A "C1'"  1 
ATOM 45  N N9     . G A 1 2  ? 1.557   1.125   13.963  1.00 0.00 ? 2  G A N9     1 
ATOM 46  C C8     . G A 1 2  ? 0.356   0.612   13.535  1.00 0.00 ? 2  G A C8     1 
ATOM 47  N N7     . G A 1 2  ? 0.377   -0.663  13.262  1.00 0.00 ? 2  G A N7     1 
ATOM 48  C C5     . G A 1 2  ? 1.692   -1.038  13.518  1.00 0.00 ? 2  G A C5     1 
ATOM 49  C C6     . G A 1 2  ? 2.332   -2.322  13.424  1.00 0.00 ? 2  G A C6     1 
ATOM 50  O O6     . G A 1 2  ? 1.830   -3.402  13.124  1.00 0.00 ? 2  G A O6     1 
ATOM 51  N N1     . G A 1 2  ? 3.698   -2.272  13.720  1.00 0.00 ? 2  G A N1     1 
ATOM 52  C C2     . G A 1 2  ? 4.368   -1.119  14.099  1.00 0.00 ? 2  G A C2     1 
ATOM 53  N N2     . G A 1 2  ? 5.677   -1.232  14.327  1.00 0.00 ? 2  G A N2     1 
ATOM 54  N N3     . G A 1 2  ? 3.760   0.077   14.231  1.00 0.00 ? 2  G A N3     1 
ATOM 55  C C4     . G A 1 2  ? 2.427   0.057   13.924  1.00 0.00 ? 2  G A C4     1 
ATOM 56  H "H5'"  . G A 1 2  ? -0.668  5.171   12.101  1.00 0.00 ? 2  G A "H5'"  1 
ATOM 57  H "H5''" . G A 1 2  ? -1.106  3.537   12.643  1.00 0.00 ? 2  G A "H5''" 1 
ATOM 58  H "H4'"  . G A 1 2  ? 1.058   5.242   13.961  1.00 0.00 ? 2  G A "H4'"  1 
ATOM 59  H "H3'"  . G A 1 2  ? 1.185   3.045   11.871  1.00 0.00 ? 2  G A "H3'"  1 
ATOM 60  H "H2'"  . G A 1 2  ? 3.405   2.530   12.793  1.00 0.00 ? 2  G A "H2'"  1 
ATOM 61  H "HO2'" . G A 1 2  ? 4.209   3.768   14.519  1.00 0.00 ? 2  G A "HO2'" 1 
ATOM 62  H "H1'"  . G A 1 2  ? 2.424   2.453   15.352  1.00 0.00 ? 2  G A "H1'"  1 
ATOM 63  H H8     . G A 1 2  ? -0.543  1.205   13.442  1.00 0.00 ? 2  G A H8     1 
ATOM 64  H H1     . G A 1 2  ? 4.209   -3.141  13.658  1.00 0.00 ? 2  G A H1     1 
ATOM 65  H H21    . G A 1 2  ? 6.136   -2.125  14.212  1.00 0.00 ? 2  G A H21    1 
ATOM 66  H H22    . G A 1 2  ? 6.202   -0.418  14.609  1.00 0.00 ? 2  G A H22    1 
ATOM 67  P P      . U A 1 3  ? 2.620   4.709   10.118  1.00 0.00 ? 3  U A P      1 
ATOM 68  O OP1    . U A 1 3  ? 3.115   6.014   9.624   1.00 0.00 ? 3  U A OP1    1 
ATOM 69  O OP2    . U A 1 3  ? 1.528   4.023   9.392   1.00 0.00 ? 3  U A OP2    1 
ATOM 70  O "O5'"  . U A 1 3  ? 3.870   3.692   10.199  1.00 0.00 ? 3  U A "O5'"  1 
ATOM 71  C "C5'"  . U A 1 3  ? 5.154   4.079   10.655  1.00 0.00 ? 3  U A "C5'"  1 
ATOM 72  C "C4'"  . U A 1 3  ? 6.081   2.855   10.734  1.00 0.00 ? 3  U A "C4'"  1 
ATOM 73  O "O4'"  . U A 1 3  ? 5.603   1.888   11.659  1.00 0.00 ? 3  U A "O4'"  1 
ATOM 74  C "C3'"  . U A 1 3  ? 6.259   2.099   9.413   1.00 0.00 ? 3  U A "C3'"  1 
ATOM 75  O "O3'"  . U A 1 3  ? 7.143   2.753   8.516   1.00 0.00 ? 3  U A "O3'"  1 
ATOM 76  C "C2'"  . U A 1 3  ? 6.778   0.756   9.936   1.00 0.00 ? 3  U A "C2'"  1 
ATOM 77  O "O2'"  . U A 1 3  ? 8.134   0.820   10.345  1.00 0.00 ? 3  U A "O2'"  1 
ATOM 78  C "C1'"  . U A 1 3  ? 5.868   0.578   11.161  1.00 0.00 ? 3  U A "C1'"  1 
ATOM 79  N N1     . U A 1 3  ? 4.661   -0.211  10.804  1.00 0.00 ? 3  U A N1     1 
ATOM 80  C C2     . U A 1 3  ? 4.798   -1.601  10.645  1.00 0.00 ? 3  U A C2     1 
ATOM 81  O O2     . U A 1 3  ? 5.869   -2.192  10.762  1.00 0.00 ? 3  U A O2     1 
ATOM 82  N N3     . U A 1 3  ? 3.638   -2.308  10.340  1.00 0.00 ? 3  U A N3     1 
ATOM 83  C C4     . U A 1 3  ? 2.372   -1.756  10.185  1.00 0.00 ? 3  U A C4     1 
ATOM 84  O O4     . U A 1 3  ? 1.416   -2.464  9.885   1.00 0.00 ? 3  U A O4     1 
ATOM 85  C C5     . U A 1 3  ? 2.321   -0.325  10.420  1.00 0.00 ? 3  U A C5     1 
ATOM 86  C C6     . U A 1 3  ? 3.429   0.387   10.706  1.00 0.00 ? 3  U A C6     1 
ATOM 87  H "H5'"  . U A 1 3  ? 5.083   4.533   11.645  1.00 0.00 ? 3  U A "H5'"  1 
ATOM 88  H "H5''" . U A 1 3  ? 5.586   4.806   9.964   1.00 0.00 ? 3  U A "H5''" 1 
ATOM 89  H "H4'"  . U A 1 3  ? 7.058   3.193   11.085  1.00 0.00 ? 3  U A "H4'"  1 
ATOM 90  H "H3'"  . U A 1 3  ? 5.276   1.951   8.958   1.00 0.00 ? 3  U A "H3'"  1 
ATOM 91  H "H2'"  . U A 1 3  ? 6.667   -0.038  9.199   1.00 0.00 ? 3  U A "H2'"  1 
ATOM 92  H "HO2'" . U A 1 3  ? 8.223   1.490   11.026  1.00 0.00 ? 3  U A "HO2'" 1 
ATOM 93  H "H1'"  . U A 1 3  ? 6.308   0.016   11.968  1.00 0.00 ? 3  U A "H1'"  1 
ATOM 94  H H3     . U A 1 3  ? 3.737   -3.302  10.197  1.00 0.00 ? 3  U A H3     1 
ATOM 95  H H5     . U A 1 3  ? 1.404   0.210   10.425  1.00 0.00 ? 3  U A H5     1 
ATOM 96  H H6     . U A 1 3  ? 3.313   1.441   10.866  1.00 0.00 ? 3  U A H6     1 
ATOM 97  P P      . G A 1 4  ? 7.162   2.416   6.932   1.00 0.00 ? 4  G A P      1 
ATOM 98  O OP1    . G A 1 4  ? 8.175   3.288   6.297   1.00 0.00 ? 4  G A OP1    1 
ATOM 99  O OP2    . G A 1 4  ? 5.766   2.449   6.443   1.00 0.00 ? 4  G A OP2    1 
ATOM 100 O "O5'"  . G A 1 4  ? 7.681   0.888   6.845   1.00 0.00 ? 4  G A "O5'"  1 
ATOM 101 C "C5'"  . G A 1 4  ? 9.050   0.547   6.976   1.00 0.00 ? 4  G A "C5'"  1 
ATOM 102 C "C4'"  . G A 1 4  ? 9.242   -0.973  6.898   1.00 0.00 ? 4  G A "C4'"  1 
ATOM 103 O "O4'"  . G A 1 4  ? 8.569   -1.651  7.952   1.00 0.00 ? 4  G A "O4'"  1 
ATOM 104 C "C3'"  . G A 1 4  ? 8.722   -1.617  5.607   1.00 0.00 ? 4  G A "C3'"  1 
ATOM 105 O "O3'"  . G A 1 4  ? 9.560   -1.389  4.482   1.00 0.00 ? 4  G A "O3'"  1 
ATOM 106 C "C2'"  . G A 1 4  ? 8.675   -3.079  6.054   1.00 0.00 ? 4  G A "C2'"  1 
ATOM 107 O "O2'"  . G A 1 4  ? 9.959   -3.679  6.089   1.00 0.00 ? 4  G A "O2'"  1 
ATOM 108 C "C1'"  . G A 1 4  ? 8.135   -2.923  7.482   1.00 0.00 ? 4  G A "C1'"  1 
ATOM 109 N N9     . G A 1 4  ? 6.654   -3.020  7.466   1.00 0.00 ? 4  G A N9     1 
ATOM 110 C C8     . G A 1 4  ? 5.700   -2.033  7.487   1.00 0.00 ? 4  G A C8     1 
ATOM 111 N N7     . G A 1 4  ? 4.472   -2.469  7.425   1.00 0.00 ? 4  G A N7     1 
ATOM 112 C C5     . G A 1 4  ? 4.613   -3.850  7.355   1.00 0.00 ? 4  G A C5     1 
ATOM 113 C C6     . G A 1 4  ? 3.626   -4.889  7.280   1.00 0.00 ? 4  G A C6     1 
ATOM 114 O O6     . G A 1 4  ? 2.404   -4.774  7.298   1.00 0.00 ? 4  G A O6     1 
ATOM 115 N N1     . G A 1 4  ? 4.189   -6.167  7.178   1.00 0.00 ? 4  G A N1     1 
ATOM 116 C C2     . G A 1 4  ? 5.552   -6.418  7.143   1.00 0.00 ? 4  G A C2     1 
ATOM 117 N N2     . G A 1 4  ? 5.937   -7.689  7.018   1.00 0.00 ? 4  G A N2     1 
ATOM 118 N N3     . G A 1 4  ? 6.478   -5.447  7.237   1.00 0.00 ? 4  G A N3     1 
ATOM 119 C C4     . G A 1 4  ? 5.949   -4.191  7.346   1.00 0.00 ? 4  G A C4     1 
ATOM 120 H "H5'"  . G A 1 4  ? 9.437   0.905   7.932   1.00 0.00 ? 4  G A "H5'"  1 
ATOM 121 H "H5''" . G A 1 4  ? 9.623   1.009   6.171   1.00 0.00 ? 4  G A "H5''" 1 
ATOM 122 H "H4'"  . G A 1 4  ? 10.309  -1.180  6.997   1.00 0.00 ? 4  G A "H4'"  1 
ATOM 123 H "H3'"  . G A 1 4  ? 7.707   -1.259  5.419   1.00 0.00 ? 4  G A "H3'"  1 
ATOM 124 H "H2'"  . G A 1 4  ? 8.025   -3.677  5.418   1.00 0.00 ? 4  G A "H2'"  1 
ATOM 125 H "HO2'" . G A 1 4  ? 10.520  -3.183  6.690   1.00 0.00 ? 4  G A "HO2'" 1 
ATOM 126 H "H1'"  . G A 1 4  ? 8.517   -3.709  8.137   1.00 0.00 ? 4  G A "H1'"  1 
ATOM 127 H H8     . G A 1 4  ? 5.937   -0.985  7.556   1.00 0.00 ? 4  G A H8     1 
ATOM 128 H H1     . G A 1 4  ? 3.550   -6.945  7.116   1.00 0.00 ? 4  G A H1     1 
ATOM 129 H H21    . G A 1 4  ? 5.247   -8.421  6.936   1.00 0.00 ? 4  G A H21    1 
ATOM 130 H H22    . G A 1 4  ? 6.921   -7.907  6.998   1.00 0.00 ? 4  G A H22    1 
ATOM 131 P P      . A A 1 5  ? 9.042   -1.626  2.964   1.00 0.00 ? 5  A A P      1 
ATOM 132 O OP1    . A A 1 5  ? 10.160  -1.300  2.051   1.00 0.00 ? 5  A A OP1    1 
ATOM 133 O OP2    . A A 1 5  ? 7.749   -0.922  2.810   1.00 0.00 ? 5  A A OP2    1 
ATOM 134 O "O5'"  . A A 1 5  ? 8.752   -3.214  2.862   1.00 0.00 ? 5  A A "O5'"  1 
ATOM 135 C "C5'"  . A A 1 5  ? 9.795   -4.168  2.759   1.00 0.00 ? 5  A A "C5'"  1 
ATOM 136 C "C4'"  . A A 1 5  ? 9.227   -5.594  2.785   1.00 0.00 ? 5  A A "C4'"  1 
ATOM 137 O "O4'"  . A A 1 5  ? 8.419   -5.826  3.933   1.00 0.00 ? 5  A A "O4'"  1 
ATOM 138 C "C3'"  . A A 1 5  ? 8.338   -5.938  1.587   1.00 0.00 ? 5  A A "C3'"  1 
ATOM 139 O "O3'"  . A A 1 5  ? 9.082   -6.213  0.406   1.00 0.00 ? 5  A A "O3'"  1 
ATOM 140 C "C2'"  . A A 1 5  ? 7.631   -7.175  2.144   1.00 0.00 ? 5  A A "C2'"  1 
ATOM 141 O "O2'"  . A A 1 5  ? 8.442   -8.335  2.080   1.00 0.00 ? 5  A A "O2'"  1 
ATOM 142 C "C1'"  . A A 1 5  ? 7.408   -6.774  3.609   1.00 0.00 ? 5  A A "C1'"  1 
ATOM 143 N N9     . A A 1 5  ? 6.042   -6.213  3.789   1.00 0.00 ? 5  A A N9     1 
ATOM 144 C C8     . A A 1 5  ? 5.635   -4.910  3.966   1.00 0.00 ? 5  A A C8     1 
ATOM 145 N N7     . A A 1 5  ? 4.350   -4.768  4.143   1.00 0.00 ? 5  A A N7     1 
ATOM 146 C C5     . A A 1 5  ? 3.855   -6.065  4.053   1.00 0.00 ? 5  A A C5     1 
ATOM 147 C C6     . A A 1 5  ? 2.558   -6.636  4.159   1.00 0.00 ? 5  A A C6     1 
ATOM 148 N N6     . A A 1 5  ? 1.460   -5.932  4.445   1.00 0.00 ? 5  A A N6     1 
ATOM 149 N N1     . A A 1 5  ? 2.406   -7.964  3.951   1.00 0.00 ? 5  A A N1     1 
ATOM 150 C C2     . A A 1 5  ? 3.486   -8.705  3.684   1.00 0.00 ? 5  A A C2     1 
ATOM 151 N N3     . A A 1 5  ? 4.757   -8.300  3.602   1.00 0.00 ? 5  A A N3     1 
ATOM 152 C C4     . A A 1 5  ? 4.879   -6.950  3.798   1.00 0.00 ? 5  A A C4     1 
ATOM 153 H "H5'"  . A A 1 5  ? 10.496  -4.053  3.587   1.00 0.00 ? 5  A A "H5'"  1 
ATOM 154 H "H5''" . A A 1 5  ? 10.340  -4.024  1.824   1.00 0.00 ? 5  A A "H5''" 1 
ATOM 155 H "H4'"  . A A 1 5  ? 10.067  -6.292  2.818   1.00 0.00 ? 5  A A "H4'"  1 
ATOM 156 H "H3'"  . A A 1 5  ? 7.616   -5.131  1.438   1.00 0.00 ? 5  A A "H3'"  1 
ATOM 157 H "H2'"  . A A 1 5  ? 6.700   -7.370  1.620   1.00 0.00 ? 5  A A "H2'"  1 
ATOM 158 H "HO2'" . A A 1 5  ? 9.263   -8.170  2.550   1.00 0.00 ? 5  A A "HO2'" 1 
ATOM 159 H "H1'"  . A A 1 5  ? 7.511   -7.637  4.269   1.00 0.00 ? 5  A A "H1'"  1 
ATOM 160 H H8     . A A 1 5  ? 6.312   -4.070  3.972   1.00 0.00 ? 5  A A H8     1 
ATOM 161 H H61    . A A 1 5  ? 0.576   -6.421  4.509   1.00 0.00 ? 5  A A H61    1 
ATOM 162 H H62    . A A 1 5  ? 1.521   -4.939  4.619   1.00 0.00 ? 5  A A H62    1 
ATOM 163 H H2     . A A 1 5  ? 3.312   -9.760  3.534   1.00 0.00 ? 5  A A H2     1 
ATOM 164 P P      . C A 1 6  ? 8.434   -6.083  -1.073  1.00 0.00 ? 6  C A P      1 
ATOM 165 O OP1    . C A 1 6  ? 9.413   -6.614  -2.047  1.00 0.00 ? 6  C A OP1    1 
ATOM 166 O OP2    . C A 1 6  ? 7.943   -4.695  -1.225  1.00 0.00 ? 6  C A OP2    1 
ATOM 167 O "O5'"  . C A 1 6  ? 7.142   -7.056  -1.067  1.00 0.00 ? 6  C A "O5'"  1 
ATOM 168 C "C5'"  . C A 1 6  ? 7.232   -8.463  -1.210  1.00 0.00 ? 6  C A "C5'"  1 
ATOM 169 C "C4'"  . C A 1 6  ? 5.849   -9.113  -1.035  1.00 0.00 ? 6  C A "C4'"  1 
ATOM 170 O "O4'"  . C A 1 6  ? 5.291   -8.842  0.245   1.00 0.00 ? 6  C A "O4'"  1 
ATOM 171 C "C3'"  . C A 1 6  ? 4.793   -8.654  -2.046  1.00 0.00 ? 6  C A "C3'"  1 
ATOM 172 O "O3'"  . C A 1 6  ? 4.943   -9.267  -3.321  1.00 0.00 ? 6  C A "O3'"  1 
ATOM 173 C "C2'"  . C A 1 6  ? 3.524   -9.080  -1.307  1.00 0.00 ? 6  C A "C2'"  1 
ATOM 174 O "O2'"  . C A 1 6  ? 3.284   -10.474 -1.414  1.00 0.00 ? 6  C A "O2'"  1 
ATOM 175 C "C1'"  . C A 1 6  ? 3.874   -8.734  0.146   1.00 0.00 ? 6  C A "C1'"  1 
ATOM 176 N N1     . C A 1 6  ? 3.350   -7.376  0.507   1.00 0.00 ? 6  C A N1     1 
ATOM 177 C C2     . C A 1 6  ? 1.981   -7.258  0.814   1.00 0.00 ? 6  C A C2     1 
ATOM 178 O O2     . C A 1 6  ? 1.234   -8.232  0.756   1.00 0.00 ? 6  C A O2     1 
ATOM 179 N N3     . C A 1 6  ? 1.489   -6.033  1.180   1.00 0.00 ? 6  C A N3     1 
ATOM 180 C C4     . C A 1 6  ? 2.283   -4.950  1.223   1.00 0.00 ? 6  C A C4     1 
ATOM 181 N N4     . C A 1 6  ? 1.756   -3.790  1.626   1.00 0.00 ? 6  C A N4     1 
ATOM 182 C C5     . C A 1 6  ? 3.674   -5.027  0.859   1.00 0.00 ? 6  C A C5     1 
ATOM 183 C C6     . C A 1 6  ? 4.154   -6.250  0.514   1.00 0.00 ? 6  C A C6     1 
ATOM 184 H "H5'"  . C A 1 6  ? 7.912   -8.877  -0.464  1.00 0.00 ? 6  C A "H5'"  1 
ATOM 185 H "H5''" . C A 1 6  ? 7.613   -8.708  -2.203  1.00 0.00 ? 6  C A "H5''" 1 
ATOM 186 H "H4'"  . C A 1 6  ? 5.973   -10.195 -1.119  1.00 0.00 ? 6  C A "H4'"  1 
ATOM 187 H "H3'"  . C A 1 6  ? 4.824   -7.564  -2.125  1.00 0.00 ? 6  C A "H3'"  1 
ATOM 188 H "H2'"  . C A 1 6  ? 2.653   -8.540  -1.664  1.00 0.00 ? 6  C A "H2'"  1 
ATOM 189 H "HO2'" . C A 1 6  ? 4.041   -10.949 -1.067  1.00 0.00 ? 6  C A "HO2'" 1 
ATOM 190 H "H1'"  . C A 1 6  ? 3.448   -9.472  0.830   1.00 0.00 ? 6  C A "H1'"  1 
ATOM 191 H H41    . C A 1 6  ? 0.777   -3.750  1.865   1.00 0.00 ? 6  C A H41    1 
ATOM 192 H H42    . C A 1 6  ? 2.333   -2.965  1.684   1.00 0.00 ? 6  C A H42    1 
ATOM 193 H H5     . C A 1 6  ? 4.338   -4.174  0.859   1.00 0.00 ? 6  C A H5     1 
ATOM 194 H H6     . C A 1 6  ? 5.191   -6.322  0.239   1.00 0.00 ? 6  C A H6     1 
ATOM 195 P P      . C A 1 7  ? 4.167   -8.725  -4.639  1.00 0.00 ? 7  C A P      1 
ATOM 196 O OP1    . C A 1 7  ? 4.542   -9.595  -5.776  1.00 0.00 ? 7  C A OP1    1 
ATOM 197 O OP2    . C A 1 7  ? 4.402   -7.267  -4.733  1.00 0.00 ? 7  C A OP2    1 
ATOM 198 O "O5'"  . C A 1 7  ? 2.595   -8.947  -4.329  1.00 0.00 ? 7  C A "O5'"  1 
ATOM 199 C "C5'"  . C A 1 7  ? 1.971   -10.219 -4.401  1.00 0.00 ? 7  C A "C5'"  1 
ATOM 200 C "C4'"  . C A 1 7  ? 0.533   -10.144 -3.863  1.00 0.00 ? 7  C A "C4'"  1 
ATOM 201 O "O4'"  . C A 1 7  ? 0.484   -9.584  -2.557  1.00 0.00 ? 7  C A "O4'"  1 
ATOM 202 C "C3'"  . C A 1 7  ? -0.413  -9.286  -4.706  1.00 0.00 ? 7  C A "C3'"  1 
ATOM 203 O "O3'"  . C A 1 7  ? -0.852  -9.949  -5.886  1.00 0.00 ? 7  C A "O3'"  1 
ATOM 204 C "C2'"  . C A 1 7  ? -1.533  -9.059  -3.688  1.00 0.00 ? 7  C A "C2'"  1 
ATOM 205 O "O2'"  . C A 1 7  ? -2.401  -10.175 -3.587  1.00 0.00 ? 7  C A "O2'"  1 
ATOM 206 C "C1'"  . C A 1 7  ? -0.751  -8.897  -2.377  1.00 0.00 ? 7  C A "C1'"  1 
ATOM 207 N N1     . C A 1 7  ? -0.585  -7.447  -2.038  1.00 0.00 ? 7  C A N1     1 
ATOM 208 C C2     . C A 1 7  ? -1.660  -6.789  -1.415  1.00 0.00 ? 7  C A C2     1 
ATOM 209 O O2     . C A 1 7  ? -2.741  -7.350  -1.249  1.00 0.00 ? 7  C A O2     1 
ATOM 210 N N3     . C A 1 7  ? -1.493  -5.496  -1.001  1.00 0.00 ? 7  C A N3     1 
ATOM 211 C C4     . C A 1 7  ? -0.344  -4.840  -1.226  1.00 0.00 ? 7  C A C4     1 
ATOM 212 N N4     . C A 1 7  ? -0.236  -3.585  -0.782  1.00 0.00 ? 7  C A N4     1 
ATOM 213 C C5     . C A 1 7  ? 0.732   -5.447  -1.970  1.00 0.00 ? 7  C A C5     1 
ATOM 214 C C6     . C A 1 7  ? 0.563   -6.740  -2.352  1.00 0.00 ? 7  C A C6     1 
ATOM 215 H "H5'"  . C A 1 7  ? 2.528   -10.948 -3.812  1.00 0.00 ? 7  C A "H5'"  1 
ATOM 216 H "H5''" . C A 1 7  ? 1.948   -10.561 -5.437  1.00 0.00 ? 7  C A "H5''" 1 
ATOM 217 H "H4'"  . C A 1 7  ? 0.137   -11.160 -3.809  1.00 0.00 ? 7  C A "H4'"  1 
ATOM 218 H "H3'"  . C A 1 7  ? 0.078   -8.338  -4.937  1.00 0.00 ? 7  C A "H3'"  1 
ATOM 219 H "H2'"  . C A 1 7  ? -2.115  -8.176  -3.933  1.00 0.00 ? 7  C A "H2'"  1 
ATOM 220 H "HO2'" . C A 1 7  ? -1.885  -10.951 -3.363  1.00 0.00 ? 7  C A "HO2'" 1 
ATOM 221 H "H1'"  . C A 1 7  ? -1.271  -9.395  -1.555  1.00 0.00 ? 7  C A "H1'"  1 
ATOM 222 H H41    . C A 1 7  ? -1.011  -3.175  -0.282  1.00 0.00 ? 7  C A H41    1 
ATOM 223 H H42    . C A 1 7  ? 0.604   -3.055  -0.955  1.00 0.00 ? 7  C A H42    1 
ATOM 224 H H5     . C A 1 7  ? 1.646   -4.928  -2.223  1.00 0.00 ? 7  C A H5     1 
ATOM 225 H H6     . C A 1 7  ? 1.348   -7.210  -2.919  1.00 0.00 ? 7  C A H6     1 
ATOM 226 P P      . U A 1 8  ? -1.531  -9.153  -7.123  1.00 0.00 ? 8  U A P      1 
ATOM 227 O OP1    . U A 1 8  ? -1.954  -10.151 -8.129  1.00 0.00 ? 8  U A OP1    1 
ATOM 228 O OP2    . U A 1 8  ? -0.603  -8.071  -7.523  1.00 0.00 ? 8  U A OP2    1 
ATOM 229 O "O5'"  . U A 1 8  ? -2.855  -8.455  -6.509  1.00 0.00 ? 8  U A "O5'"  1 
ATOM 230 C "C5'"  . U A 1 8  ? -4.063  -9.161  -6.280  1.00 0.00 ? 8  U A "C5'"  1 
ATOM 231 C "C4'"  . U A 1 8  ? -5.073  -8.268  -5.541  1.00 0.00 ? 8  U A "C4'"  1 
ATOM 232 O "O4'"  . U A 1 8  ? -4.562  -7.787  -4.304  1.00 0.00 ? 8  U A "O4'"  1 
ATOM 233 C "C3'"  . U A 1 8  ? -5.498  -7.018  -6.317  1.00 0.00 ? 8  U A "C3'"  1 
ATOM 234 O "O3'"  . U A 1 8  ? -6.430  -7.308  -7.351  1.00 0.00 ? 8  U A "O3'"  1 
ATOM 235 C "C2'"  . U A 1 8  ? -6.078  -6.183  -5.173  1.00 0.00 ? 8  U A "C2'"  1 
ATOM 236 O "O2'"  . U A 1 8  ? -7.386  -6.602  -4.819  1.00 0.00 ? 8  U A "O2'"  1 
ATOM 237 C "C1'"  . U A 1 8  ? -5.108  -6.500  -4.026  1.00 0.00 ? 8  U A "C1'"  1 
ATOM 238 N N1     . U A 1 8  ? -4.060  -5.434  -3.897  1.00 0.00 ? 8  U A N1     1 
ATOM 239 C C2     . U A 1 8  ? -4.371  -4.293  -3.137  1.00 0.00 ? 8  U A C2     1 
ATOM 240 O O2     . U A 1 8  ? -5.480  -4.099  -2.642  1.00 0.00 ? 8  U A O2     1 
ATOM 241 N N3     . U A 1 8  ? -3.356  -3.351  -2.977  1.00 0.00 ? 8  U A N3     1 
ATOM 242 C C4     . U A 1 8  ? -2.104  -3.399  -3.581  1.00 0.00 ? 8  U A C4     1 
ATOM 243 O O4     . U A 1 8  ? -1.293  -2.497  -3.393  1.00 0.00 ? 8  U A O4     1 
ATOM 244 C C5     . U A 1 8  ? -1.886  -4.565  -4.419  1.00 0.00 ? 8  U A C5     1 
ATOM 245 C C6     . U A 1 8  ? -2.843  -5.521  -4.550  1.00 0.00 ? 8  U A C6     1 
ATOM 246 H "H5'"  . U A 1 8  ? -3.877  -10.053 -5.683  1.00 0.00 ? 8  U A "H5'"  1 
ATOM 247 H "H5''" . U A 1 8  ? -4.494  -9.469  -7.235  1.00 0.00 ? 8  U A "H5''" 1 
ATOM 248 H "H4'"  . U A 1 8  ? -5.959  -8.869  -5.324  1.00 0.00 ? 8  U A "H4'"  1 
ATOM 249 H "H3'"  . U A 1 8  ? -4.606  -6.527  -6.716  1.00 0.00 ? 8  U A "H3'"  1 
ATOM 250 H "H2'"  . U A 1 8  ? -6.100  -5.126  -5.415  1.00 0.00 ? 8  U A "H2'"  1 
ATOM 251 H "HO2'" . U A 1 8  ? -7.366  -7.535  -4.597  1.00 0.00 ? 8  U A "HO2'" 1 
ATOM 252 H "H1'"  . U A 1 8  ? -5.654  -6.587  -3.085  1.00 0.00 ? 8  U A "H1'"  1 
ATOM 253 H H3     . U A 1 8  ? -3.543  -2.541  -2.402  1.00 0.00 ? 8  U A H3     1 
ATOM 254 H H5     . U A 1 8  ? -0.949  -4.673  -4.944  1.00 0.00 ? 8  U A H5     1 
ATOM 255 H H6     . U A 1 8  ? -2.636  -6.357  -5.196  1.00 0.00 ? 8  U A H6     1 
ATOM 256 P P      . C A 1 9  ? -6.786  -6.242  -8.519  1.00 0.00 ? 9  C A P      1 
ATOM 257 O OP1    . C A 1 9  ? -7.757  -6.879  -9.435  1.00 0.00 ? 9  C A OP1    1 
ATOM 258 O OP2    . C A 1 9  ? -5.511  -5.722  -9.062  1.00 0.00 ? 9  C A OP2    1 
ATOM 259 O "O5'"  . C A 1 9  ? -7.527  -5.024  -7.758  1.00 0.00 ? 9  C A "O5'"  1 
ATOM 260 C "C5'"  . C A 1 9  ? -8.879  -5.096  -7.338  1.00 0.00 ? 9  C A "C5'"  1 
ATOM 261 C "C4'"  . C A 1 9  ? -9.244  -3.860  -6.501  1.00 0.00 ? 9  C A "C4'"  1 
ATOM 262 O "O4'"  . C A 1 9  ? -8.377  -3.706  -5.385  1.00 0.00 ? 9  C A "O4'"  1 
ATOM 263 C "C3'"  . C A 1 9  ? -9.153  -2.534  -7.260  1.00 0.00 ? 9  C A "C3'"  1 
ATOM 264 O "O3'"  . C A 1 9  ? -10.239 -2.324  -8.154  1.00 0.00 ? 9  C A "O3'"  1 
ATOM 265 C "C2'"  . C A 1 9  ? -9.139  -1.567  -6.075  1.00 0.00 ? 9  C A "C2'"  1 
ATOM 266 O "O2'"  . C A 1 9  ? -10.434 -1.373  -5.534  1.00 0.00 ? 9  C A "O2'"  1 
ATOM 267 C "C1'"  . C A 1 9  ? -8.270  -2.324  -5.062  1.00 0.00 ? 9  C A "C1'"  1 
ATOM 268 N N1     . C A 1 9  ? -6.858  -1.823  -5.100  1.00 0.00 ? 9  C A N1     1 
ATOM 269 C C2     . C A 1 9  ? -6.542  -0.683  -4.341  1.00 0.00 ? 9  C A C2     1 
ATOM 270 O O2     . C A 1 9  ? -7.415  -0.051  -3.753  1.00 0.00 ? 9  C A O2     1 
ATOM 271 N N3     . C A 1 9  ? -5.237  -0.279  -4.270  1.00 0.00 ? 9  C A N3     1 
ATOM 272 C C4     . C A 1 9  ? -4.276  -0.918  -4.958  1.00 0.00 ? 9  C A C4     1 
ATOM 273 N N4     . C A 1 9  ? -3.014  -0.505  -4.820  1.00 0.00 ? 9  C A N4     1 
ATOM 274 C C5     . C A 1 9  ? -4.589  -2.011  -5.843  1.00 0.00 ? 9  C A C5     1 
ATOM 275 C C6     . C A 1 9  ? -5.885  -2.419  -5.881  1.00 0.00 ? 9  C A C6     1 
ATOM 276 H "H5'"  . C A 1 9  ? -9.043  -5.990  -6.734  1.00 0.00 ? 9  C A "H5'"  1 
ATOM 277 H "H5''" . C A 1 9  ? -9.535  -5.141  -8.209  1.00 0.00 ? 9  C A "H5''" 1 
ATOM 278 H "H4'"  . C A 1 9  ? -10.263 -3.984  -6.125  1.00 0.00 ? 9  C A "H4'"  1 
ATOM 279 H "H3'"  . C A 1 9  ? -8.196  -2.489  -7.784  1.00 0.00 ? 9  C A "H3'"  1 
ATOM 280 H "H2'"  . C A 1 9  ? -8.718  -0.604  -6.346  1.00 0.00 ? 9  C A "H2'"  1 
ATOM 281 H "HO2'" . C A 1 9  ? -10.375 -0.730  -4.823  1.00 0.00 ? 9  C A "HO2'" 1 
ATOM 282 H "H1'"  . C A 1 9  ? -8.670  -2.207  -4.053  1.00 0.00 ? 9  C A "H1'"  1 
ATOM 283 H H41    . C A 1 9  ? -2.816  0.266   -4.199  1.00 0.00 ? 9  C A H41    1 
ATOM 284 H H42    . C A 1 9  ? -2.267  -0.977  -5.306  1.00 0.00 ? 9  C A H42    1 
ATOM 285 H H5     . C A 1 9  ? -3.854  -2.508  -6.458  1.00 0.00 ? 9  C A H5     1 
ATOM 286 H H6     . C A 1 9  ? -6.147  -3.221  -6.551  1.00 0.00 ? 9  C A H6     1 
ATOM 287 P P      . C A 1 10 ? -10.198 -1.188  -9.308  1.00 0.00 ? 10 C A P      1 
ATOM 288 O OP1    . C A 1 10 ? -11.499 -1.212  -10.014 1.00 0.00 ? 10 C A OP1    1 
ATOM 289 O OP2    . C A 1 10 ? -8.951  -1.375  -10.082 1.00 0.00 ? 10 C A OP2    1 
ATOM 290 O "O5'"  . C A 1 10 ? -10.078 0.217   -8.517  1.00 0.00 ? 10 C A "O5'"  1 
ATOM 291 C "C5'"  . C A 1 10 ? -11.185 0.836   -7.884  1.00 0.00 ? 10 C A "C5'"  1 
ATOM 292 C "C4'"  . C A 1 10 ? -10.727 2.071   -7.089  1.00 0.00 ? 10 C A "C4'"  1 
ATOM 293 O "O4'"  . C A 1 10 ? -9.720  1.751   -6.138  1.00 0.00 ? 10 C A "O4'"  1 
ATOM 294 C "C3'"  . C A 1 10 ? -10.123 3.183   -7.951  1.00 0.00 ? 10 C A "C3'"  1 
ATOM 295 O "O3'"  . C A 1 10 ? -11.104 3.921   -8.667  1.00 0.00 ? 10 C A "O3'"  1 
ATOM 296 C "C2'"  . C A 1 10 ? -9.422  3.993   -6.859  1.00 0.00 ? 10 C A "C2'"  1 
ATOM 297 O "O2'"  . C A 1 10 ? -10.334 4.791   -6.124  1.00 0.00 ? 10 C A "O2'"  1 
ATOM 298 C "C1'"  . C A 1 10 ? -8.871  2.882   -5.954  1.00 0.00 ? 10 C A "C1'"  1 
ATOM 299 N N1     . C A 1 10 ? -7.433  2.602   -6.275  1.00 0.00 ? 10 C A N1     1 
ATOM 300 C C2     . C A 1 10 ? -6.460  3.464   -5.740  1.00 0.00 ? 10 C A C2     1 
ATOM 301 O O2     . C A 1 10 ? -6.781  4.476   -5.119  1.00 0.00 ? 10 C A O2     1 
ATOM 302 N N3     . C A 1 10 ? -5.139  3.166   -5.925  1.00 0.00 ? 10 C A N3     1 
ATOM 303 C C4     . C A 1 10 ? -4.765  2.097   -6.647  1.00 0.00 ? 10 C A C4     1 
ATOM 304 N N4     . C A 1 10 ? -3.462  1.839   -6.776  1.00 0.00 ? 10 C A N4     1 
ATOM 305 C C5     . C A 1 10 ? -5.738  1.262   -7.306  1.00 0.00 ? 10 C A C5     1 
ATOM 306 C C6     . C A 1 10 ? -7.047  1.557   -7.094  1.00 0.00 ? 10 C A C6     1 
ATOM 307 H "H5'"  . C A 1 10 ? -11.672 0.140   -7.201  1.00 0.00 ? 10 C A "H5'"  1 
ATOM 308 H "H5''" . C A 1 10 ? -11.912 1.150   -8.635  1.00 0.00 ? 10 C A "H5''" 1 
ATOM 309 H "H4'"  . C A 1 10 ? -11.587 2.470   -6.548  1.00 0.00 ? 10 C A "H4'"  1 
ATOM 310 H "H3'"  . C A 1 10 ? -9.380  2.747   -8.624  1.00 0.00 ? 10 C A "H3'"  1 
ATOM 311 H "H2'"  . C A 1 10 ? -8.642  4.629   -7.267  1.00 0.00 ? 10 C A "H2'"  1 
ATOM 312 H "HO2'" . C A 1 10 ? -9.842  5.288   -5.466  1.00 0.00 ? 10 C A "HO2'" 1 
ATOM 313 H "H1'"  . C A 1 10 ? -8.952  3.170   -4.903  1.00 0.00 ? 10 C A "H1'"  1 
ATOM 314 H H41    . C A 1 10 ? -2.795  2.446   -6.321  1.00 0.00 ? 10 C A H41    1 
ATOM 315 H H42    . C A 1 10 ? -3.151  1.048   -7.318  1.00 0.00 ? 10 C A H42    1 
ATOM 316 H H5     . C A 1 10 ? -5.474  0.432   -7.945  1.00 0.00 ? 10 C A H5     1 
ATOM 317 H H6     . C A 1 10 ? -7.790  0.960   -7.596  1.00 0.00 ? 10 C A H6     1 
ATOM 318 P P      . C A 1 11 ? -10.733 4.840   -9.947  1.00 0.00 ? 11 C A P      1 
ATOM 319 O OP1    . C A 1 11 ? -11.975 5.500   -10.405 1.00 0.00 ? 11 C A OP1    1 
ATOM 320 O OP2    . C A 1 11 ? -9.966  4.002   -10.896 1.00 0.00 ? 11 C A OP2    1 
ATOM 321 O "O5'"  . C A 1 11 ? -9.733  5.978   -9.381  1.00 0.00 ? 11 C A "O5'"  1 
ATOM 322 C "C5'"  . C A 1 11 ? -10.181 7.085   -8.618  1.00 0.00 ? 11 C A "C5'"  1 
ATOM 323 C "C4'"  . C A 1 11 ? -8.978  7.929   -8.161  1.00 0.00 ? 11 C A "C4'"  1 
ATOM 324 O "O4'"  . C A 1 11 ? -8.128  7.137   -7.343  1.00 0.00 ? 11 C A "O4'"  1 
ATOM 325 C "C3'"  . C A 1 11 ? -8.090  8.505   -9.264  1.00 0.00 ? 11 C A "C3'"  1 
ATOM 326 O "O3'"  . C A 1 11 ? -8.588  9.702   -9.853  1.00 0.00 ? 11 C A "O3'"  1 
ATOM 327 C "C2'"  . C A 1 11 ? -6.831  8.783   -8.437  1.00 0.00 ? 11 C A "C2'"  1 
ATOM 328 O "O2'"  . C A 1 11 ? -6.908  10.005  -7.719  1.00 0.00 ? 11 C A "O2'"  1 
ATOM 329 C "C1'"  . C A 1 11 ? -6.793  7.598   -7.466  1.00 0.00 ? 11 C A "C1'"  1 
ATOM 330 N N1     . C A 1 11 ? -5.832  6.549   -7.938  1.00 0.00 ? 11 C A N1     1 
ATOM 331 C C2     . C A 1 11 ? -4.464  6.775   -7.705  1.00 0.00 ? 11 C A C2     1 
ATOM 332 O O2     . C A 1 11 ? -4.073  7.811   -7.176  1.00 0.00 ? 11 C A O2     1 
ATOM 333 N N3     . C A 1 11 ? -3.562  5.826   -8.089  1.00 0.00 ? 11 C A N3     1 
ATOM 334 C C4     . C A 1 11 ? -3.954  4.708   -8.716  1.00 0.00 ? 11 C A C4     1 
ATOM 335 N N4     . C A 1 11 ? -3.010  3.841   -9.088  1.00 0.00 ? 11 C A N4     1 
ATOM 336 C C5     . C A 1 11 ? -5.341  4.478   -9.039  1.00 0.00 ? 11 C A C5     1 
ATOM 337 C C6     . C A 1 11 ? -6.233  5.425   -8.637  1.00 0.00 ? 11 C A C6     1 
ATOM 338 H "H5'"  . C A 1 11 ? -10.723 6.742   -7.736  1.00 0.00 ? 11 C A "H5'"  1 
ATOM 339 H "H5''" . C A 1 11 ? -10.864 7.688   -9.211  1.00 0.00 ? 11 C A "H5''" 1 
ATOM 340 H "H4'"  . C A 1 11 ? -9.307  8.792   -7.585  1.00 0.00 ? 11 C A "H4'"  1 
ATOM 341 H "H3'"  . C A 1 11 ? -7.866  7.743   -10.013 1.00 0.00 ? 11 C A "H3'"  1 
ATOM 342 H "H2'"  . C A 1 11 ? -5.937  8.808   -9.045  1.00 0.00 ? 11 C A "H2'"  1 
ATOM 343 H "HO2'" . C A 1 11 ? -7.701  9.999   -7.177  1.00 0.00 ? 11 C A "HO2'" 1 
ATOM 344 H "H1'"  . C A 1 11 ? -6.484  7.939   -6.480  1.00 0.00 ? 11 C A "H1'"  1 
ATOM 345 H H41    . C A 1 11 ? -2.045  4.060   -8.879  1.00 0.00 ? 11 C A H41    1 
ATOM 346 H H42    . C A 1 11 ? -3.256  2.998   -9.586  1.00 0.00 ? 11 C A H42    1 
ATOM 347 H H5     . C A 1 11 ? -5.690  3.613   -9.584  1.00 0.00 ? 11 C A H5     1 
ATOM 348 H H6     . C A 1 11 ? -7.271  5.290   -8.894  1.00 0.00 ? 11 C A H6     1 
ATOM 349 P P      . G A 1 12 ? -9.747  9.721   -10.981 1.00 0.00 ? 12 G A P      1 
ATOM 350 O OP1    . G A 1 12 ? -11.042 9.923   -10.296 1.00 0.00 ? 12 G A OP1    1 
ATOM 351 O OP2    . G A 1 12 ? -9.563  8.550   -11.866 1.00 0.00 ? 12 G A OP2    1 
ATOM 352 O "O5'"  . G A 1 12 ? -9.437  11.061  -11.837 1.00 0.00 ? 12 G A "O5'"  1 
ATOM 353 C "C5'"  . G A 1 12 ? -8.355  11.176  -12.750 1.00 0.00 ? 12 G A "C5'"  1 
ATOM 354 C "C4'"  . G A 1 12 ? -6.990  11.239  -12.046 1.00 0.00 ? 12 G A "C4'"  1 
ATOM 355 O "O4'"  . G A 1 12 ? -6.559  9.962   -11.619 1.00 0.00 ? 12 G A "O4'"  1 
ATOM 356 C "C3'"  . G A 1 12 ? -5.837  11.663  -12.956 1.00 0.00 ? 12 G A "C3'"  1 
ATOM 357 O "O3'"  . G A 1 12 ? -5.767  13.074  -13.132 1.00 0.00 ? 12 G A "O3'"  1 
ATOM 358 C "C2'"  . G A 1 12 ? -4.618  11.087  -12.208 1.00 0.00 ? 12 G A "C2'"  1 
ATOM 359 O "O2'"  . G A 1 12 ? -3.857  12.078  -11.542 1.00 0.00 ? 12 G A "O2'"  1 
ATOM 360 C "C1'"  . G A 1 12 ? -5.221  10.105  -11.194 1.00 0.00 ? 12 G A "C1'"  1 
ATOM 361 N N9     . G A 1 12 ? -4.504  8.801   -11.162 1.00 0.00 ? 12 G A N9     1 
ATOM 362 C C8     . G A 1 12 ? -5.044  7.549   -11.302 1.00 0.00 ? 12 G A C8     1 
ATOM 363 N N7     . G A 1 12 ? -4.187  6.574   -11.233 1.00 0.00 ? 12 G A N7     1 
ATOM 364 C C5     . G A 1 12 ? -2.973  7.216   -11.034 1.00 0.00 ? 12 G A C5     1 
ATOM 365 C C6     . G A 1 12 ? -1.653  6.670   -10.906 1.00 0.00 ? 12 G A C6     1 
ATOM 366 O O6     . G A 1 12 ? -1.319  5.491   -10.967 1.00 0.00 ? 12 G A O6     1 
ATOM 367 N N1     . G A 1 12 ? -0.674  7.642   -10.694 1.00 0.00 ? 12 G A N1     1 
ATOM 368 C C2     . G A 1 12 ? -0.938  9.001   -10.620 1.00 0.00 ? 12 G A C2     1 
ATOM 369 N N2     . G A 1 12 ? 0.112   9.800   -10.406 1.00 0.00 ? 12 G A N2     1 
ATOM 370 N N3     . G A 1 12 ? -2.177  9.520   -10.753 1.00 0.00 ? 12 G A N3     1 
ATOM 371 C C4     . G A 1 12 ? -3.156  8.583   -10.963 1.00 0.00 ? 12 G A C4     1 
ATOM 372 H "H5'"  . G A 1 12 ? -8.508  12.120  -13.270 1.00 0.00 ? 12 G A "H5'"  1 
ATOM 373 H "H5''" . G A 1 12 ? -8.373  10.375  -13.493 1.00 0.00 ? 12 G A "H5''" 1 
ATOM 374 H "H4'"  . G A 1 12 ? -7.052  11.918  -11.191 1.00 0.00 ? 12 G A "H4'"  1 
ATOM 375 H "H3'"  . G A 1 12 ? -5.941  11.129  -13.901 1.00 0.00 ? 12 G A "H3'"  1 
ATOM 376 H "H2'"  . G A 1 12 ? -3.990  10.539  -12.910 1.00 0.00 ? 12 G A "H2'"  1 
ATOM 377 H "HO2'" . G A 1 12 ? -3.651  12.771  -12.174 1.00 0.00 ? 12 G A "HO2'" 1 
ATOM 378 H "H1'"  . G A 1 12 ? -5.287  10.525  -10.185 1.00 0.00 ? 12 G A "H1'"  1 
ATOM 379 H H8     . G A 1 12 ? -6.095  7.399   -11.463 1.00 0.00 ? 12 G A H8     1 
ATOM 380 H H1     . G A 1 12 ? 0.284   7.327   -10.611 1.00 0.00 ? 12 G A H1     1 
ATOM 381 H H21    . G A 1 12 ? 1.040   9.409   -10.307 1.00 0.00 ? 12 G A H21    1 
ATOM 382 H H22    . G A 1 12 ? -0.034  10.797  -10.339 1.00 0.00 ? 12 G A H22    1 
ATOM 383 P P      . G A 1 13 ? -5.967  13.800  -14.568 1.00 0.00 ? 13 G A P      1 
ATOM 384 O OP1    . G A 1 13 ? -5.749  15.250  -14.370 1.00 0.00 ? 13 G A OP1    1 
ATOM 385 O OP2    . G A 1 13 ? -7.237  13.332  -15.164 1.00 0.00 ? 13 G A OP2    1 
ATOM 386 O "O5'"  . G A 1 13 ? -4.733  13.227  -15.445 1.00 0.00 ? 13 G A "O5'"  1 
ATOM 387 C "C5'"  . G A 1 13 ? -4.884  12.187  -16.399 1.00 0.00 ? 13 G A "C5'"  1 
ATOM 388 C "C4'"  . G A 1 13 ? -3.543  11.460  -16.551 1.00 0.00 ? 13 G A "C4'"  1 
ATOM 389 O "O4'"  . G A 1 13 ? -3.173  10.865  -15.317 1.00 0.00 ? 13 G A "O4'"  1 
ATOM 390 C "C3'"  . G A 1 13 ? -3.586  10.307  -17.558 1.00 0.00 ? 13 G A "C3'"  1 
ATOM 391 O "O3'"  . G A 1 13 ? -3.510  10.785  -18.896 1.00 0.00 ? 13 G A "O3'"  1 
ATOM 392 C "C2'"  . G A 1 13 ? -2.369  9.500   -17.093 1.00 0.00 ? 13 G A "C2'"  1 
ATOM 393 O "O2'"  . G A 1 13 ? -1.157  10.066  -17.555 1.00 0.00 ? 13 G A "O2'"  1 
ATOM 394 C "C1'"  . G A 1 13 ? -2.478  9.652   -15.562 1.00 0.00 ? 13 G A "C1'"  1 
ATOM 395 N N9     . G A 1 13 ? -3.233  8.503   -14.990 1.00 0.00 ? 13 G A N9     1 
ATOM 396 C C8     . G A 1 13 ? -4.590  8.363   -14.825 1.00 0.00 ? 13 G A C8     1 
ATOM 397 N N7     . G A 1 13 ? -4.969  7.176   -14.444 1.00 0.00 ? 13 G A N7     1 
ATOM 398 C C5     . G A 1 13 ? -3.779  6.470   -14.323 1.00 0.00 ? 13 G A C5     1 
ATOM 399 C C6     . G A 1 13 ? -3.544  5.111   -13.921 1.00 0.00 ? 13 G A C6     1 
ATOM 400 O O6     . G A 1 13 ? -4.373  4.260   -13.607 1.00 0.00 ? 13 G A O6     1 
ATOM 401 N N1     . G A 1 13 ? -2.188  4.773   -13.892 1.00 0.00 ? 13 G A N1     1 
ATOM 402 C C2     . G A 1 13 ? -1.164  5.650   -14.216 1.00 0.00 ? 13 G A C2     1 
ATOM 403 N N2     . G A 1 13 ? 0.076   5.162   -14.132 1.00 0.00 ? 13 G A N2     1 
ATOM 404 N N3     . G A 1 13 ? -1.383  6.927   -14.596 1.00 0.00 ? 13 G A N3     1 
ATOM 405 C C4     . G A 1 13 ? -2.705  7.282   -14.629 1.00 0.00 ? 13 G A C4     1 
ATOM 406 H "H5'"  . G A 1 13 ? -5.183  12.620  -17.355 1.00 0.00 ? 13 G A "H5'"  1 
ATOM 407 H "H5''" . G A 1 13 ? -5.638  11.458  -16.099 1.00 0.00 ? 13 G A "H5''" 1 
ATOM 408 H "H4'"  . G A 1 13 ? -2.769  12.177  -16.839 1.00 0.00 ? 13 G A "H4'"  1 
ATOM 409 H "H3'"  . G A 1 13 ? -4.496  9.732   -17.381 1.00 0.00 ? 13 G A "H3'"  1 
ATOM 410 H "H2'"  . G A 1 13 ? -2.422  8.462   -17.426 1.00 0.00 ? 13 G A "H2'"  1 
ATOM 411 H "HO2'" . G A 1 13 ? -1.123  10.989  -17.295 1.00 0.00 ? 13 G A "HO2'" 1 
ATOM 412 H "H1'"  . G A 1 13 ? -1.508  9.743   -15.071 1.00 0.00 ? 13 G A "H1'"  1 
ATOM 413 H H8     . G A 1 13 ? -5.296  9.157   -15.009 1.00 0.00 ? 13 G A H8     1 
ATOM 414 H H1     . G A 1 13 ? -1.956  3.835   -13.607 1.00 0.00 ? 13 G A H1     1 
ATOM 415 H H21    . G A 1 13 ? 0.220   4.207   -13.838 1.00 0.00 ? 13 G A H21    1 
ATOM 416 H H22    . G A 1 13 ? 0.878   5.737   -14.365 1.00 0.00 ? 13 G A H22    1 
ATOM 417 P P      . G A 1 14 ? -4.147  9.997   -20.164 1.00 0.00 ? 14 G A P      1 
ATOM 418 O OP1    . G A 1 14 ? -4.292  10.986  -21.255 1.00 0.00 ? 14 G A OP1    1 
ATOM 419 O OP2    . G A 1 14 ? -5.342  9.253   -19.705 1.00 0.00 ? 14 G A OP2    1 
ATOM 420 O "O5'"  . G A 1 14 ? -3.041  8.915   -20.638 1.00 0.00 ? 14 G A "O5'"  1 
ATOM 421 C "C5'"  . G A 1 14 ? -3.197  8.189   -21.851 1.00 0.00 ? 14 G A "C5'"  1 
ATOM 422 C "C4'"  . G A 1 14 ? -1.944  7.388   -22.256 1.00 0.00 ? 14 G A "C4'"  1 
ATOM 423 O "O4'"  . G A 1 14 ? -0.802  8.237   -22.283 1.00 0.00 ? 14 G A "O4'"  1 
ATOM 424 C "C3'"  . G A 1 14 ? -1.607  6.213   -21.321 1.00 0.00 ? 14 G A "C3'"  1 
ATOM 425 O "O3'"  . G A 1 14 ? -0.943  5.218   -22.107 1.00 0.00 ? 14 G A "O3'"  1 
ATOM 426 C "C2'"  . G A 1 14 ? -0.695  6.939   -20.335 1.00 0.00 ? 14 G A "C2'"  1 
ATOM 427 O "O2'"  . G A 1 14 ? 0.084   6.061   -19.574 1.00 0.00 ? 14 G A "O2'"  1 
ATOM 428 C "C1'"  . G A 1 14 ? 0.117   7.809   -21.291 1.00 0.00 ? 14 G A "C1'"  1 
ATOM 429 N N9     . G A 1 14 ? 0.763   8.982   -20.653 1.00 0.00 ? 14 G A N9     1 
ATOM 430 C C8     . G A 1 14 ? 0.185   9.993   -19.924 1.00 0.00 ? 14 G A C8     1 
ATOM 431 N N7     . G A 1 14 ? 0.984   10.989  -19.659 1.00 0.00 ? 14 G A N7     1 
ATOM 432 C C5     . G A 1 14 ? 2.189   10.617  -20.244 1.00 0.00 ? 14 G A C5     1 
ATOM 433 C C6     . G A 1 14 ? 3.445   11.311  -20.317 1.00 0.00 ? 14 G A C6     1 
ATOM 434 O O6     . G A 1 14 ? 3.722   12.423  -19.876 1.00 0.00 ? 14 G A O6     1 
ATOM 435 N N1     . G A 1 14 ? 4.441   10.579  -20.975 1.00 0.00 ? 14 G A N1     1 
ATOM 436 C C2     . G A 1 14 ? 4.241   9.316   -21.516 1.00 0.00 ? 14 G A C2     1 
ATOM 437 N N2     . G A 1 14 ? 5.290   8.735   -22.103 1.00 0.00 ? 14 G A N2     1 
ATOM 438 N N3     . G A 1 14 ? 3.056   8.676   -21.473 1.00 0.00 ? 14 G A N3     1 
ATOM 439 C C4     . G A 1 14 ? 2.072   9.370   -20.825 1.00 0.00 ? 14 G A C4     1 
ATOM 440 H "H5'"  . G A 1 14 ? -3.403  8.889   -22.665 1.00 0.00 ? 14 G A "H5'"  1 
ATOM 441 H "H5''" . G A 1 14 ? -4.046  7.507   -21.765 1.00 0.00 ? 14 G A "H5''" 1 
ATOM 442 H "H4'"  . G A 1 14 ? -2.127  7.012   -23.265 1.00 0.00 ? 14 G A "H4'"  1 
ATOM 443 H "H3'"  . G A 1 14 ? -2.484  5.807   -20.819 1.00 0.00 ? 14 G A "H3'"  1 
ATOM 444 H "H2'"  . G A 1 14 ? -1.283  7.542   -19.644 1.00 0.00 ? 14 G A "H2'"  1 
ATOM 445 H "HO2'" . G A 1 14 ? 0.692   5.595   -20.154 1.00 0.00 ? 14 G A "HO2'" 1 
ATOM 446 H "H1'"  . G A 1 14 ? 0.869   7.176   -21.767 1.00 0.00 ? 14 G A "H1'"  1 
ATOM 447 H H8     . G A 1 14 ? -0.849  9.986   -19.617 1.00 0.00 ? 14 G A H8     1 
ATOM 448 H H1     . G A 1 14 ? 5.350   11.005  -21.048 1.00 0.00 ? 14 G A H1     1 
ATOM 449 H H21    . G A 1 14 ? 6.181   9.207   -22.138 1.00 0.00 ? 14 G A H21    1 
ATOM 450 H H22    . G A 1 14 ? 5.180   7.815   -22.503 1.00 0.00 ? 14 G A H22    1 
ATOM 451 P P      . A A 1 15 ? -0.668  3.696   -21.613 1.00 0.00 ? 15 A A P      1 
ATOM 452 O OP1    . A A 1 15 ? -0.453  2.863   -22.818 1.00 0.00 ? 15 A A OP1    1 
ATOM 453 O OP2    . A A 1 15 ? -1.729  3.318   -20.652 1.00 0.00 ? 15 A A OP2    1 
ATOM 454 O "O5'"  . A A 1 15 ? 0.733   3.772   -20.806 1.00 0.00 ? 15 A A "O5'"  1 
ATOM 455 C "C5'"  . A A 1 15 ? 1.988   3.906   -21.452 1.00 0.00 ? 15 A A "C5'"  1 
ATOM 456 C "C4'"  . A A 1 15 ? 3.099   4.233   -20.437 1.00 0.00 ? 15 A A "C4'"  1 
ATOM 457 O "O4'"  . A A 1 15 ? 2.891   5.537   -19.896 1.00 0.00 ? 15 A A "O4'"  1 
ATOM 458 C "C3'"  . A A 1 15 ? 3.173   3.247   -19.246 1.00 0.00 ? 15 A A "C3'"  1 
ATOM 459 O "O3'"  . A A 1 15 ? 4.546   2.999   -18.944 1.00 0.00 ? 15 A A "O3'"  1 
ATOM 460 C "C2'"  . A A 1 15 ? 2.425   4.061   -18.186 1.00 0.00 ? 15 A A "C2'"  1 
ATOM 461 O "O2'"  . A A 1 15 ? 2.601   3.644   -16.853 1.00 0.00 ? 15 A A "O2'"  1 
ATOM 462 C "C1'"  . A A 1 15 ? 2.996   5.445   -18.488 1.00 0.00 ? 15 A A "C1'"  1 
ATOM 463 N N9     . A A 1 15 ? 2.328   6.565   -17.784 1.00 0.00 ? 15 A A N9     1 
ATOM 464 C C8     . A A 1 15 ? 1.150   6.563   -17.082 1.00 0.00 ? 15 A A C8     1 
ATOM 465 N N7     . A A 1 15 ? 0.805   7.727   -16.604 1.00 0.00 ? 15 A A N7     1 
ATOM 466 C C5     . A A 1 15 ? 1.863   8.557   -16.965 1.00 0.00 ? 15 A A C5     1 
ATOM 467 C C6     . A A 1 15 ? 2.170   9.919   -16.714 1.00 0.00 ? 15 A A C6     1 
ATOM 468 N N6     . A A 1 15 ? 1.356   10.745  -16.048 1.00 0.00 ? 15 A A N6     1 
ATOM 469 N N1     . A A 1 15 ? 3.362   10.411  -17.127 1.00 0.00 ? 15 A A N1     1 
ATOM 470 C C2     . A A 1 15 ? 4.201   9.603   -17.783 1.00 0.00 ? 15 A A C2     1 
ATOM 471 N N3     . A A 1 15 ? 4.015   8.322   -18.114 1.00 0.00 ? 15 A A N3     1 
ATOM 472 C C4     . A A 1 15 ? 2.813   7.846   -17.666 1.00 0.00 ? 15 A A C4     1 
ATOM 473 H "H5'"  . A A 1 15 ? 1.951   4.705   -22.196 1.00 0.00 ? 15 A A "H5'"  1 
ATOM 474 H "H5''" . A A 1 15 ? 2.231   2.969   -21.959 1.00 0.00 ? 15 A A "H5''" 1 
ATOM 475 H "H4'"  . A A 1 15 ? 4.046   4.238   -20.982 1.00 0.00 ? 15 A A "H4'"  1 
ATOM 476 H "H3'"  . A A 1 15 ? 2.664   2.310   -19.455 1.00 0.00 ? 15 A A "H3'"  1 
ATOM 477 H "H2'"  . A A 1 15 ? 1.356   4.024   -18.396 1.00 0.00 ? 15 A A "H2'"  1 
ATOM 478 H "HO2'" . A A 1 15 ? 2.616   2.682   -16.831 1.00 0.00 ? 15 A A "HO2'" 1 
ATOM 479 H "H1'"  . A A 1 15 ? 4.049   5.463   -18.229 1.00 0.00 ? 15 A A "H1'"  1 
ATOM 480 H H8     . A A 1 15 ? 0.546   5.671   -16.991 1.00 0.00 ? 15 A A H8     1 
ATOM 481 H H61    . A A 1 15 ? 1.639   11.701  -15.892 1.00 0.00 ? 15 A A H61    1 
ATOM 482 H H62    . A A 1 15 ? 0.457   10.412  -15.734 1.00 0.00 ? 15 A A H62    1 
ATOM 483 H H2     . A A 1 15 ? 5.138   10.041  -18.094 1.00 0.00 ? 15 A A H2     1 
ATOM 484 P P      . G A 1 16 ? 5.057   1.920   -17.842 1.00 0.00 ? 16 G A P      1 
ATOM 485 O OP1    . G A 1 16 ? 6.049   1.034   -18.491 1.00 0.00 ? 16 G A OP1    1 
ATOM 486 O OP2    . G A 1 16 ? 3.884   1.319   -17.167 1.00 0.00 ? 16 G A OP2    1 
ATOM 487 O "O5'"  . G A 1 16 ? 5.833   2.870   -16.782 1.00 0.00 ? 16 G A "O5'"  1 
ATOM 488 C "C5'"  . G A 1 16 ? 7.123   3.397   -17.069 1.00 0.00 ? 16 G A "C5'"  1 
ATOM 489 C "C4'"  . G A 1 16 ? 7.290   4.829   -16.545 1.00 0.00 ? 16 G A "C4'"  1 
ATOM 490 O "O4'"  . G A 1 16 ? 6.172   5.634   -16.901 1.00 0.00 ? 16 G A "O4'"  1 
ATOM 491 C "C3'"  . G A 1 16 ? 7.432   5.004   -15.029 1.00 0.00 ? 16 G A "C3'"  1 
ATOM 492 O "O3'"  . G A 1 16 ? 8.708   4.658   -14.507 1.00 0.00 ? 16 G A "O3'"  1 
ATOM 493 C "C2'"  . G A 1 16 ? 7.189   6.515   -14.966 1.00 0.00 ? 16 G A "C2'"  1 
ATOM 494 O "O2'"  . G A 1 16 ? 8.313   7.251   -15.424 1.00 0.00 ? 16 G A "O2'"  1 
ATOM 495 C "C1'"  . G A 1 16 ? 6.050   6.689   -15.959 1.00 0.00 ? 16 G A "C1'"  1 
ATOM 496 N N9     . G A 1 16 ? 4.752   6.686   -15.239 1.00 0.00 ? 16 G A N9     1 
ATOM 497 C C8     . G A 1 16 ? 3.901   5.645   -14.967 1.00 0.00 ? 16 G A C8     1 
ATOM 498 N N7     . G A 1 16 ? 2.812   5.990   -14.343 1.00 0.00 ? 16 G A N7     1 
ATOM 499 C C5     . G A 1 16 ? 2.964   7.354   -14.133 1.00 0.00 ? 16 G A C5     1 
ATOM 500 C C6     . G A 1 16 ? 2.097   8.304   -13.496 1.00 0.00 ? 16 G A C6     1 
ATOM 501 O O6     . G A 1 16 ? 0.960   8.123   -13.073 1.00 0.00 ? 16 G A O6     1 
ATOM 502 N N1     . G A 1 16 ? 2.672   9.571   -13.365 1.00 0.00 ? 16 G A N1     1 
ATOM 503 C C2     . G A 1 16 ? 3.926   9.902   -13.856 1.00 0.00 ? 16 G A C2     1 
ATOM 504 N N2     . G A 1 16 ? 4.332   11.162  -13.679 1.00 0.00 ? 16 G A N2     1 
ATOM 505 N N3     . G A 1 16 ? 4.715   9.029   -14.513 1.00 0.00 ? 16 G A N3     1 
ATOM 506 C C4     . G A 1 16 ? 4.185   7.774   -14.615 1.00 0.00 ? 16 G A C4     1 
ATOM 507 H "H5'"  . G A 1 16 ? 7.288   3.446   -18.149 1.00 0.00 ? 16 G A "H5'"  1 
ATOM 508 H "H5''" . G A 1 16 ? 7.886   2.749   -16.639 1.00 0.00 ? 16 G A "H5''" 1 
ATOM 509 H "H4'"  . G A 1 16 ? 8.179   5.250   -17.023 1.00 0.00 ? 16 G A "H4'"  1 
ATOM 510 H "H3'"  . G A 1 16 ? 6.630   4.457   -14.526 1.00 0.00 ? 16 G A "H3'"  1 
ATOM 511 H "H2'"  . G A 1 16 ? 6.891   6.861   -13.983 1.00 0.00 ? 16 G A "H2'"  1 
ATOM 512 H "HO2'" . G A 1 16 ? 8.100   8.187   -15.387 1.00 0.00 ? 16 G A "HO2'" 1 
ATOM 513 H "H1'"  . G A 1 16 ? 6.162   7.640   -16.464 1.00 0.00 ? 16 G A "H1'"  1 
ATOM 514 H H8     . G A 1 16 ? 4.104   4.627   -15.253 1.00 0.00 ? 16 G A H8     1 
ATOM 515 H H1     . G A 1 16 ? 2.122   10.278  -12.902 1.00 0.00 ? 16 G A H1     1 
ATOM 516 H H21    . G A 1 16 ? 3.743   11.824  -13.196 1.00 0.00 ? 16 G A H21    1 
ATOM 517 H H22    . G A 1 16 ? 5.233   11.442  -14.034 1.00 0.00 ? 16 G A H22    1 
ATOM 518 P P      . C A 1 17 ? 8.971   4.537   -12.910 1.00 0.00 ? 17 C A P      1 
ATOM 519 O OP1    . C A 1 17 ? 10.423  4.677   -12.668 1.00 0.00 ? 17 C A OP1    1 
ATOM 520 O OP2    . C A 1 17 ? 8.268   3.324   -12.436 1.00 0.00 ? 17 C A OP2    1 
ATOM 521 O "O5'"  . C A 1 17 ? 8.208   5.817   -12.274 1.00 0.00 ? 17 C A "O5'"  1 
ATOM 522 C "C5'"  . C A 1 17 ? 8.787   7.110   -12.161 1.00 0.00 ? 17 C A "C5'"  1 
ATOM 523 C "C4'"  . C A 1 17 ? 7.877   8.031   -11.328 1.00 0.00 ? 17 C A "C4'"  1 
ATOM 524 O "O4'"  . C A 1 17 ? 6.604   8.218   -11.934 1.00 0.00 ? 17 C A "O4'"  1 
ATOM 525 C "C3'"  . C A 1 17 ? 7.589   7.510   -9.920  1.00 0.00 ? 17 C A "C3'"  1 
ATOM 526 O "O3'"  . C A 1 17 ? 8.698   7.697   -9.047  1.00 0.00 ? 17 C A "O3'"  1 
ATOM 527 C "C2'"  . C A 1 17 ? 6.344   8.336   -9.579  1.00 0.00 ? 17 C A "C2'"  1 
ATOM 528 O "O2'"  . C A 1 17 ? 6.684   9.640   -9.141  1.00 0.00 ? 17 C A "O2'"  1 
ATOM 529 C "C1'"  . C A 1 17 ? 5.616   8.432   -10.932 1.00 0.00 ? 17 C A "C1'"  1 
ATOM 530 N N1     . C A 1 17 ? 4.503   7.431   -11.009 1.00 0.00 ? 17 C A N1     1 
ATOM 531 C C2     . C A 1 17 ? 3.225   7.799   -10.543 1.00 0.00 ? 17 C A C2     1 
ATOM 532 O O2     . C A 1 17 ? 2.986   8.940   -10.150 1.00 0.00 ? 17 C A O2     1 
ATOM 533 N N3     . C A 1 17 ? 2.230   6.861   -10.537 1.00 0.00 ? 17 C A N3     1 
ATOM 534 C C4     . C A 1 17 ? 2.459   5.601   -10.945 1.00 0.00 ? 17 C A C4     1 
ATOM 535 N N4     . C A 1 17 ? 1.459   4.719   -10.890 1.00 0.00 ? 17 C A N4     1 
ATOM 536 C C5     . C A 1 17 ? 3.757   5.193   -11.421 1.00 0.00 ? 17 C A C5     1 
ATOM 537 C C6     . C A 1 17 ? 4.733   6.136   -11.438 1.00 0.00 ? 17 C A C6     1 
ATOM 538 H "H5'"  . C A 1 17 ? 8.987   7.562   -13.129 1.00 0.00 ? 17 C A "H5'"  1 
ATOM 539 H "H5''" . C A 1 17 ? 9.737   7.030   -11.630 1.00 0.00 ? 17 C A "H5''" 1 
ATOM 540 H "H4'"  . C A 1 17 ? 8.352   9.012   -11.251 1.00 0.00 ? 17 C A "H4'"  1 
ATOM 541 H "H3'"  . C A 1 17 ? 7.316   6.454   -9.967  1.00 0.00 ? 17 C A "H3'"  1 
ATOM 542 H "H2'"  . C A 1 17 ? 5.747   7.830   -8.820  1.00 0.00 ? 17 C A "H2'"  1 
ATOM 543 H "HO2'" . C A 1 17 ? 5.917   10.022  -8.706  1.00 0.00 ? 17 C A "HO2'" 1 
ATOM 544 H "H1'"  . C A 1 17 ? 5.224   9.439   -11.088 1.00 0.00 ? 17 C A "H1'"  1 
ATOM 545 H H41    . C A 1 17 ? 0.557   5.014   -10.545 1.00 0.00 ? 17 C A H41    1 
ATOM 546 H H42    . C A 1 17 ? 1.608   3.765   -11.182 1.00 0.00 ? 17 C A H42    1 
ATOM 547 H H5     . C A 1 17 ? 3.977   4.192   -11.762 1.00 0.00 ? 17 C A H5     1 
ATOM 548 H H6     . C A 1 17 ? 5.708   5.854   -11.804 1.00 0.00 ? 17 C A H6     1 
ATOM 549 P P      . G A 1 18 ? 8.674   7.212   -7.504  1.00 0.00 ? 18 G A P      1 
ATOM 550 O OP1    . G A 1 18 ? 10.014  7.448   -6.923  1.00 0.00 ? 18 G A OP1    1 
ATOM 551 O OP2    . G A 1 18 ? 8.087   5.854   -7.456  1.00 0.00 ? 18 G A OP2    1 
ATOM 552 O "O5'"  . G A 1 18 ? 7.645   8.256   -6.826  1.00 0.00 ? 18 G A "O5'"  1 
ATOM 553 C "C5'"  . G A 1 18 ? 6.796   7.908   -5.747  1.00 0.00 ? 18 G A "C5'"  1 
ATOM 554 C "C4'"  . G A 1 18 ? 5.712   8.986   -5.602  1.00 0.00 ? 18 G A "C4'"  1 
ATOM 555 O "O4'"  . G A 1 18 ? 4.983   9.146   -6.814  1.00 0.00 ? 18 G A "O4'"  1 
ATOM 556 C "C3'"  . G A 1 18 ? 4.677   8.637   -4.529  1.00 0.00 ? 18 G A "C3'"  1 
ATOM 557 O "O3'"  . G A 1 18 ? 5.112   9.004   -3.228  1.00 0.00 ? 18 G A "O3'"  1 
ATOM 558 C "C2'"  . G A 1 18 ? 3.468   9.432   -5.029  1.00 0.00 ? 18 G A "C2'"  1 
ATOM 559 O "O2'"  . G A 1 18 ? 3.581   10.813  -4.729  1.00 0.00 ? 18 G A "O2'"  1 
ATOM 560 C "C1'"  . G A 1 18 ? 3.593   9.230   -6.543  1.00 0.00 ? 18 G A "C1'"  1 
ATOM 561 N N9     . G A 1 18 ? 2.887   7.993   -6.974  1.00 0.00 ? 18 G A N9     1 
ATOM 562 C C8     . G A 1 18 ? 3.379   6.734   -7.230  1.00 0.00 ? 18 G A C8     1 
ATOM 563 N N7     . G A 1 18 ? 2.472   5.855   -7.557  1.00 0.00 ? 18 G A N7     1 
ATOM 564 C C5     . G A 1 18 ? 1.283   6.576   -7.525  1.00 0.00 ? 18 G A C5     1 
ATOM 565 C C6     . G A 1 18 ? -0.067  6.166   -7.794  1.00 0.00 ? 18 G A C6     1 
ATOM 566 O O6     . G A 1 18 ? -0.467  5.058   -8.143  1.00 0.00 ? 18 G A O6     1 
ATOM 567 N N1     . G A 1 18 ? -0.996  7.199   -7.623  1.00 0.00 ? 18 G A N1     1 
ATOM 568 C C2     . G A 1 18 ? -0.656  8.494   -7.260  1.00 0.00 ? 18 G A C2     1 
ATOM 569 N N2     . G A 1 18 ? -1.648  9.379   -7.148  1.00 0.00 ? 18 G A N2     1 
ATOM 570 N N3     . G A 1 18 ? 0.611   8.884   -7.023  1.00 0.00 ? 18 G A N3     1 
ATOM 571 C C4     . G A 1 18 ? 1.531   7.885   -7.169  1.00 0.00 ? 18 G A C4     1 
ATOM 572 H "H5'"  . G A 1 18 ? 7.378   7.838   -4.827  1.00 0.00 ? 18 G A "H5'"  1 
ATOM 573 H "H5''" . G A 1 18 ? 6.313   6.948   -5.931  1.00 0.00 ? 18 G A "H5''" 1 
ATOM 574 H "H4'"  . G A 1 18 ? 6.181   9.944   -5.366  1.00 0.00 ? 18 G A "H4'"  1 
ATOM 575 H "H3'"  . G A 1 18 ? 4.457   7.568   -4.589  1.00 0.00 ? 18 G A "H3'"  1 
ATOM 576 H "H2'"  . G A 1 18 ? 2.529   9.050   -4.630  1.00 0.00 ? 18 G A "H2'"  1 
ATOM 577 H "HO2'" . G A 1 18 ? 4.409   11.140  -5.084  1.00 0.00 ? 18 G A "HO2'" 1 
ATOM 578 H "H1'"  . G A 1 18 ? 3.173   10.077  -7.090  1.00 0.00 ? 18 G A "H1'"  1 
ATOM 579 H H8     . G A 1 18 ? 4.425   6.478   -7.167  1.00 0.00 ? 18 G A H8     1 
ATOM 580 H H1     . G A 1 18 ? -1.968  6.971   -7.780  1.00 0.00 ? 18 G A H1     1 
ATOM 581 H H21    . G A 1 18 ? -2.603  9.094   -7.314  1.00 0.00 ? 18 G A H21    1 
ATOM 582 H H22    . G A 1 18 ? -1.436  10.330  -6.886  1.00 0.00 ? 18 G A H22    1 
ATOM 583 P P      . G A 1 19 ? 4.458   8.367   -1.893  1.00 0.00 ? 19 G A P      1 
ATOM 584 O OP1    . G A 1 19 ? 5.093   9.012   -0.721  1.00 0.00 ? 19 G A OP1    1 
ATOM 585 O OP2    . G A 1 19 ? 4.507   6.895   -2.024  1.00 0.00 ? 19 G A OP2    1 
ATOM 586 O "O5'"  . G A 1 19 ? 2.908   8.815   -1.946  1.00 0.00 ? 19 G A "O5'"  1 
ATOM 587 C "C5'"  . G A 1 19 ? 2.476   10.118  -1.590  1.00 0.00 ? 19 G A "C5'"  1 
ATOM 588 C "C4'"  . G A 1 19 ? 0.954   10.231  -1.763  1.00 0.00 ? 19 G A "C4'"  1 
ATOM 589 O "O4'"  . G A 1 19 ? 0.547   10.019  -3.108  1.00 0.00 ? 19 G A "O4'"  1 
ATOM 590 C "C3'"  . G A 1 19 ? 0.176   9.209   -0.931  1.00 0.00 ? 19 G A "C3'"  1 
ATOM 591 O "O3'"  . G A 1 19 ? 0.123   9.557   0.445   1.00 0.00 ? 19 G A "O3'"  1 
ATOM 592 C "C2'"  . G A 1 19 ? -1.173  9.257   -1.649  1.00 0.00 ? 19 G A "C2'"  1 
ATOM 593 O "O2'"  . G A 1 19 ? -1.928  10.398  -1.284  1.00 0.00 ? 19 G A "O2'"  1 
ATOM 594 C "C1'"  . G A 1 19 ? -0.728  9.382   -3.113  1.00 0.00 ? 19 G A "C1'"  1 
ATOM 595 N N9     . G A 1 19 ? -0.653  8.033   -3.732  1.00 0.00 ? 19 G A N9     1 
ATOM 596 C C8     . G A 1 19 ? 0.441   7.238   -3.971  1.00 0.00 ? 19 G A C8     1 
ATOM 597 N N7     . G A 1 19 ? 0.160   6.073   -4.488  1.00 0.00 ? 19 G A N7     1 
ATOM 598 C C5     . G A 1 19 ? -1.227  6.079   -4.585  1.00 0.00 ? 19 G A C5     1 
ATOM 599 C C6     . G A 1 19 ? -2.134  5.067   -5.051  1.00 0.00 ? 19 G A C6     1 
ATOM 600 O O6     . G A 1 19 ? -1.859  3.971   -5.529  1.00 0.00 ? 19 G A O6     1 
ATOM 601 N N1     . G A 1 19 ? -3.478  5.427   -4.908  1.00 0.00 ? 19 G A N1     1 
ATOM 602 C C2     . G A 1 19 ? -3.901  6.640   -4.386  1.00 0.00 ? 19 G A C2     1 
ATOM 603 N N2     . G A 1 19 ? -5.217  6.829   -4.278  1.00 0.00 ? 19 G A N2     1 
ATOM 604 N N3     . G A 1 19 ? -3.053  7.605   -3.980  1.00 0.00 ? 19 G A N3     1 
ATOM 605 C C4     . G A 1 19 ? -1.734  7.266   -4.101  1.00 0.00 ? 19 G A C4     1 
ATOM 606 H "H5'"  . G A 1 19 ? 2.966   10.869  -2.210  1.00 0.00 ? 19 G A "H5'"  1 
ATOM 607 H "H5''" . G A 1 19 ? 2.721   10.315  -0.545  1.00 0.00 ? 19 G A "H5''" 1 
ATOM 608 H "H4'"  . G A 1 19 ? 0.643   11.238  -1.475  1.00 0.00 ? 19 G A "H4'"  1 
ATOM 609 H "H3'"  . G A 1 19 ? 0.620   8.220   -1.072  1.00 0.00 ? 19 G A "H3'"  1 
ATOM 610 H "H2'"  . G A 1 19 ? -1.754  8.355   -1.460  1.00 0.00 ? 19 G A "H2'"  1 
ATOM 611 H "HO2'" . G A 1 19 ? -2.771  10.364  -1.741  1.00 0.00 ? 19 G A "HO2'" 1 
ATOM 612 H "H1'"  . G A 1 19 ? -1.430  9.988   -3.691  1.00 0.00 ? 19 G A "H1'"  1 
ATOM 613 H H8     . G A 1 19 ? 1.449   7.545   -3.746  1.00 0.00 ? 19 G A H8     1 
ATOM 614 H H1     . G A 1 19 ? -4.167  4.749   -5.204  1.00 0.00 ? 19 G A H1     1 
ATOM 615 H H21    . G A 1 19 ? -5.859  6.105   -4.565  1.00 0.00 ? 19 G A H21    1 
ATOM 616 H H22    . G A 1 19 ? -5.562  7.697   -3.898  1.00 0.00 ? 19 G A H22    1 
ATOM 617 P P      . G A 1 20 ? -0.272  8.484   1.589   1.00 0.00 ? 20 G A P      1 
ATOM 618 O OP1    . G A 1 20 ? -0.230  9.178   2.895   1.00 0.00 ? 20 G A OP1    1 
ATOM 619 O OP2    . G A 1 20 ? 0.553   7.274   1.386   1.00 0.00 ? 20 G A OP2    1 
ATOM 620 O "O5'"  . G A 1 20 ? -1.806  8.096   1.272   1.00 0.00 ? 20 G A "O5'"  1 
ATOM 621 C "C5'"  . G A 1 20 ? -2.889  8.951   1.592   1.00 0.00 ? 20 G A "C5'"  1 
ATOM 622 C "C4'"  . G A 1 20 ? -4.210  8.330   1.116   1.00 0.00 ? 20 G A "C4'"  1 
ATOM 623 O "O4'"  . G A 1 20 ? -4.216  8.093   -0.286  1.00 0.00 ? 20 G A "O4'"  1 
ATOM 624 C "C3'"  . G A 1 20 ? -4.513  6.975   1.761   1.00 0.00 ? 20 G A "C3'"  1 
ATOM 625 O "O3'"  . G A 1 20 ? -4.969  7.097   3.101   1.00 0.00 ? 20 G A "O3'"  1 
ATOM 626 C "C2'"  . G A 1 20 ? -5.571  6.455   0.785   1.00 0.00 ? 20 G A "C2'"  1 
ATOM 627 O "O2'"  . G A 1 20 ? -6.827  7.079   0.983   1.00 0.00 ? 20 G A "O2'"  1 
ATOM 628 C "C1'"  . G A 1 20 ? -4.978  6.920   -0.553  1.00 0.00 ? 20 G A "C1'"  1 
ATOM 629 N N9     . G A 1 20 ? -4.131  5.843   -1.130  1.00 0.00 ? 20 G A N9     1 
ATOM 630 C C8     . G A 1 20 ? -2.762  5.729   -1.190  1.00 0.00 ? 20 G A C8     1 
ATOM 631 N N7     . G A 1 20 ? -2.339  4.634   -1.758  1.00 0.00 ? 20 G A N7     1 
ATOM 632 C C5     . G A 1 20 ? -3.507  3.957   -2.093  1.00 0.00 ? 20 G A C5     1 
ATOM 633 C C6     . G A 1 20 ? -3.701  2.695   -2.749  1.00 0.00 ? 20 G A C6     1 
ATOM 634 O O6     . G A 1 20 ? -2.843  1.934   -3.186  1.00 0.00 ? 20 G A O6     1 
ATOM 635 N N1     . G A 1 20 ? -5.049  2.342   -2.876  1.00 0.00 ? 20 G A N1     1 
ATOM 636 C C2     . G A 1 20 ? -6.098  3.130   -2.425  1.00 0.00 ? 20 G A C2     1 
ATOM 637 N N2     . G A 1 20 ? -7.333  2.649   -2.583  1.00 0.00 ? 20 G A N2     1 
ATOM 638 N N3     . G A 1 20 ? -5.921  4.327   -1.836  1.00 0.00 ? 20 G A N3     1 
ATOM 639 C C4     . G A 1 20 ? -4.608  4.686   -1.698  1.00 0.00 ? 20 G A C4     1 
ATOM 640 H "H5'"  . G A 1 20 ? -2.762  9.926   1.119   1.00 0.00 ? 20 G A "H5'"  1 
ATOM 641 H "H5''" . G A 1 20 ? -2.941  9.094   2.673   1.00 0.00 ? 20 G A "H5''" 1 
ATOM 642 H "H4'"  . G A 1 20 ? -5.022  9.024   1.342   1.00 0.00 ? 20 G A "H4'"  1 
ATOM 643 H "H3'"  . G A 1 20 ? -3.624  6.344   1.700   1.00 0.00 ? 20 G A "H3'"  1 
ATOM 644 H "H2'"  . G A 1 20 ? -5.690  5.373   0.854   1.00 0.00 ? 20 G A "H2'"  1 
ATOM 645 H "HO2'" . G A 1 20 ? -7.453  6.709   0.356   1.00 0.00 ? 20 G A "HO2'" 1 
ATOM 646 H "H1'"  . G A 1 20 ? -5.764  7.160   -1.271  1.00 0.00 ? 20 G A "H1'"  1 
ATOM 647 H H8     . G A 1 20 ? -2.086  6.479   -0.809  1.00 0.00 ? 20 G A H8     1 
ATOM 648 H H1     . G A 1 20 ? -5.251  1.458   -3.321  1.00 0.00 ? 20 G A H1     1 
ATOM 649 H H21    . G A 1 20 ? -7.476  1.744   -3.008  1.00 0.00 ? 20 G A H21    1 
ATOM 650 H H22    . G A 1 20 ? -8.119  3.193   -2.261  1.00 0.00 ? 20 G A H22    1 
ATOM 651 P P      . G A 1 21 ? -4.980  5.842   4.121   1.00 0.00 ? 21 G A P      1 
ATOM 652 O OP1    . G A 1 21 ? -5.518  6.313   5.416   1.00 0.00 ? 21 G A OP1    1 
ATOM 653 O OP2    . G A 1 21 ? -3.643  5.210   4.080   1.00 0.00 ? 21 G A OP2    1 
ATOM 654 O "O5'"  . G A 1 21 ? -6.035  4.801   3.480   1.00 0.00 ? 21 G A "O5'"  1 
ATOM 655 C "C5'"  . G A 1 21 ? -7.437  4.998   3.557   1.00 0.00 ? 21 G A "C5'"  1 
ATOM 656 C "C4'"  . G A 1 21 ? -8.172  3.856   2.842   1.00 0.00 ? 21 G A "C4'"  1 
ATOM 657 O "O4'"  . G A 1 21 ? -7.792  3.738   1.478   1.00 0.00 ? 21 G A "O4'"  1 
ATOM 658 C "C3'"  . G A 1 21 ? -7.901  2.483   3.456   1.00 0.00 ? 21 G A "C3'"  1 
ATOM 659 O "O3'"  . G A 1 21 ? -8.587  2.294   4.686   1.00 0.00 ? 21 G A "O3'"  1 
ATOM 660 C "C2'"  . G A 1 21 ? -8.393  1.591   2.315   1.00 0.00 ? 21 G A "C2'"  1 
ATOM 661 O "O2'"  . G A 1 21 ? -9.807  1.512   2.279   1.00 0.00 ? 21 G A "O2'"  1 
ATOM 662 C "C1'"  . G A 1 21 ? -7.890  2.371   1.090   1.00 0.00 ? 21 G A "C1'"  1 
ATOM 663 N N9     . G A 1 21 ? -6.576  1.835   0.646   1.00 0.00 ? 21 G A N9     1 
ATOM 664 C C8     . G A 1 21 ? -5.311  2.349   0.810   1.00 0.00 ? 21 G A C8     1 
ATOM 665 N N7     . G A 1 21 ? -4.363  1.621   0.287   1.00 0.00 ? 21 G A N7     1 
ATOM 666 C C5     . G A 1 21 ? -5.037  0.533   -0.259  1.00 0.00 ? 21 G A C5     1 
ATOM 667 C C6     . G A 1 21 ? -4.544  -0.611  -0.979  1.00 0.00 ? 21 G A C6     1 
ATOM 668 O O6     . G A 1 21 ? -3.391  -0.866  -1.313  1.00 0.00 ? 21 G A O6     1 
ATOM 669 N N1     . G A 1 21 ? -5.553  -1.517  -1.316  1.00 0.00 ? 21 G A N1     1 
ATOM 670 C C2     . G A 1 21 ? -6.893  -1.331  -1.026  1.00 0.00 ? 21 G A C2     1 
ATOM 671 N N2     . G A 1 21 ? -7.724  -2.303  -1.409  1.00 0.00 ? 21 G A N2     1 
ATOM 672 N N3     . G A 1 21 ? -7.365  -0.245  -0.384  1.00 0.00 ? 21 G A N3     1 
ATOM 673 C C4     . G A 1 21 ? -6.392  0.648   -0.024  1.00 0.00 ? 21 G A C4     1 
ATOM 674 H "H5'"  . G A 1 21 ? -7.717  5.947   3.099   1.00 0.00 ? 21 G A "H5'"  1 
ATOM 675 H "H5''" . G A 1 21 ? -7.753  5.013   4.602   1.00 0.00 ? 21 G A "H5''" 1 
ATOM 676 H "H4'"  . G A 1 21 ? -9.245  4.059   2.876   1.00 0.00 ? 21 G A "H4'"  1 
ATOM 677 H "H3'"  . G A 1 21 ? -6.822  2.354   3.578   1.00 0.00 ? 21 G A "H3'"  1 
ATOM 678 H "H2'"  . G A 1 21 ? -7.980  0.585   2.381   1.00 0.00 ? 21 G A "H2'"  1 
ATOM 679 H "HO2'" . G A 1 21 ? -10.062 0.920   1.568   1.00 0.00 ? 21 G A "HO2'" 1 
ATOM 680 H "H1'"  . G A 1 21 ? -8.592  2.289   0.258   1.00 0.00 ? 21 G A "H1'"  1 
ATOM 681 H H8     . G A 1 21 ? -5.111  3.282   1.318   1.00 0.00 ? 21 G A H8     1 
ATOM 682 H H1     . G A 1 21 ? -5.281  -2.357  -1.802  1.00 0.00 ? 21 G A H1     1 
ATOM 683 H H21    . G A 1 21 ? -7.358  -3.120  -1.879  1.00 0.00 ? 21 G A H21    1 
ATOM 684 H H22    . G A 1 21 ? -8.710  -2.218  -1.217  1.00 0.00 ? 21 G A H22    1 
ATOM 685 P P      . G A 1 22 ? -8.176  1.129   5.731   1.00 0.00 ? 22 G A P      1 
ATOM 686 O OP1    . G A 1 22 ? -9.098  1.209   6.887   1.00 0.00 ? 22 G A OP1    1 
ATOM 687 O OP2    . G A 1 22 ? -6.717  1.215   5.962   1.00 0.00 ? 22 G A OP2    1 
ATOM 688 O "O5'"  . G A 1 22 ? -8.471  -0.248  4.943   1.00 0.00 ? 22 G A "O5'"  1 
ATOM 689 C "C5'"  . G A 1 22 ? -9.781  -0.762  4.772   1.00 0.00 ? 22 G A "C5'"  1 
ATOM 690 C "C4'"  . G A 1 22 ? -9.742  -2.021  3.896   1.00 0.00 ? 22 G A "C4'"  1 
ATOM 691 O "O4'"  . G A 1 22 ? -9.192  -1.762  2.610   1.00 0.00 ? 22 G A "O4'"  1 
ATOM 692 C "C3'"  . G A 1 22 ? -8.899  -3.157  4.482   1.00 0.00 ? 22 G A "C3'"  1 
ATOM 693 O "O3'"  . G A 1 22 ? -9.542  -3.838  5.550   1.00 0.00 ? 22 G A "O3'"  1 
ATOM 694 C "C2'"  . G A 1 22 ? -8.713  -4.001  3.221   1.00 0.00 ? 22 G A "C2'"  1 
ATOM 695 O "O2'"  . G A 1 22 ? -9.879  -4.735  2.890   1.00 0.00 ? 22 G A "O2'"  1 
ATOM 696 C "C1'"  . G A 1 22 ? -8.478  -2.912  2.169   1.00 0.00 ? 22 G A "C1'"  1 
ATOM 697 N N9     . G A 1 22 ? -7.020  -2.639  2.050   1.00 0.00 ? 22 G A N9     1 
ATOM 698 C C8     . G A 1 22 ? -6.270  -1.623  2.589   1.00 0.00 ? 22 G A C8     1 
ATOM 699 N N7     . G A 1 22 ? -4.999  -1.677  2.300   1.00 0.00 ? 22 G A N7     1 
ATOM 700 C C5     . G A 1 22 ? -4.882  -2.828  1.530   1.00 0.00 ? 22 G A C5     1 
ATOM 701 C C6     . G A 1 22 ? -3.730  -3.430  0.921   1.00 0.00 ? 22 G A C6     1 
ATOM 702 O O6     . G A 1 22 ? -2.572  -3.023  0.933   1.00 0.00 ? 22 G A O6     1 
ATOM 703 N N1     . G A 1 22 ? -4.024  -4.623  0.254   1.00 0.00 ? 22 G A N1     1 
ATOM 704 C C2     . G A 1 22 ? -5.288  -5.188  0.201   1.00 0.00 ? 22 G A C2     1 
ATOM 705 N N2     . G A 1 22 ? -5.398  -6.373  -0.403  1.00 0.00 ? 22 G A N2     1 
ATOM 706 N N3     . G A 1 22 ? -6.375  -4.615  0.753   1.00 0.00 ? 22 G A N3     1 
ATOM 707 C C4     . G A 1 22 ? -6.112  -3.439  1.399   1.00 0.00 ? 22 G A C4     1 
ATOM 708 H "H5'"  . G A 1 22 ? -10.425 -0.019  4.300   1.00 0.00 ? 22 G A "H5'"  1 
ATOM 709 H "H5''" . G A 1 22 ? -10.205 -1.022  5.744   1.00 0.00 ? 22 G A "H5''" 1 
ATOM 710 H "H4'"  . G A 1 22 ? -10.766 -2.375  3.756   1.00 0.00 ? 22 G A "H4'"  1 
ATOM 711 H "H3'"  . G A 1 22 ? -7.932  -2.756  4.798   1.00 0.00 ? 22 G A "H3'"  1 
ATOM 712 H "H2'"  . G A 1 22 ? -7.870  -4.680  3.312   1.00 0.00 ? 22 G A "H2'"  1 
ATOM 713 H "HO2'" . G A 1 22 ? -9.696  -5.264  2.111   1.00 0.00 ? 22 G A "HO2'" 1 
ATOM 714 H "H1'"  . G A 1 22 ? -8.856  -3.217  1.191   1.00 0.00 ? 22 G A "H1'"  1 
ATOM 715 H H8     . G A 1 22 ? -6.690  -0.843  3.202   1.00 0.00 ? 22 G A H8     1 
ATOM 716 H H1     . G A 1 22 ? -3.249  -5.103  -0.186  1.00 0.00 ? 22 G A H1     1 
ATOM 717 H H21    . G A 1 22 ? -4.582  -6.819  -0.797  1.00 0.00 ? 22 G A H21    1 
ATOM 718 H H22    . G A 1 22 ? -6.300  -6.823  -0.448  1.00 0.00 ? 22 G A H22    1 
ATOM 719 P P      . A A 1 23 ? -8.737  -4.817  6.561   1.00 0.00 ? 23 A A P      1 
ATOM 720 O OP1    . A A 1 23 ? -9.700  -5.329  7.560   1.00 0.00 ? 23 A A OP1    1 
ATOM 721 O OP2    . A A 1 23 ? -7.527  -4.100  7.022   1.00 0.00 ? 23 A A OP2    1 
ATOM 722 O "O5'"  . A A 1 23 ? -8.252  -6.054  5.643   1.00 0.00 ? 23 A A "O5'"  1 
ATOM 723 C "C5'"  . A A 1 23 ? -9.151  -7.046  5.173   1.00 0.00 ? 23 A A "C5'"  1 
ATOM 724 C "C4'"  . A A 1 23 ? -8.427  -8.005  4.218   1.00 0.00 ? 23 A A "C4'"  1 
ATOM 725 O "O4'"  . A A 1 23 ? -7.752  -7.310  3.177   1.00 0.00 ? 23 A A "O4'"  1 
ATOM 726 C "C3'"  . A A 1 23 ? -7.368  -8.873  4.902   1.00 0.00 ? 23 A A "C3'"  1 
ATOM 727 O "O3'"  . A A 1 23 ? -7.951  -9.970  5.595   1.00 0.00 ? 23 A A "O3'"  1 
ATOM 728 C "C2'"  . A A 1 23 ? -6.567  -9.307  3.673   1.00 0.00 ? 23 A A "C2'"  1 
ATOM 729 O "O2'"  . A A 1 23 ? -7.238  -10.334 2.963   1.00 0.00 ? 23 A A "O2'"  1 
ATOM 730 C "C1'"  . A A 1 23 ? -6.566  -8.019  2.841   1.00 0.00 ? 23 A A "C1'"  1 
ATOM 731 N N9     . A A 1 23 ? -5.348  -7.192  3.055   1.00 0.00 ? 23 A A N9     1 
ATOM 732 C C8     . A A 1 23 ? -5.212  -5.956  3.645   1.00 0.00 ? 23 A A C8     1 
ATOM 733 N N7     . A A 1 23 ? -4.033  -5.417  3.503   1.00 0.00 ? 23 A A N7     1 
ATOM 734 C C5     . A A 1 23 ? -3.317  -6.373  2.791   1.00 0.00 ? 23 A A C5     1 
ATOM 735 C C6     . A A 1 23 ? -1.981  -6.445  2.314   1.00 0.00 ? 23 A A C6     1 
ATOM 736 N N6     . A A 1 23 ? -1.097  -5.454  2.452   1.00 0.00 ? 23 A A N6     1 
ATOM 737 N N1     . A A 1 23 ? -1.563  -7.577  1.701   1.00 0.00 ? 23 A A N1     1 
ATOM 738 C C2     . A A 1 23 ? -2.428  -8.583  1.539   1.00 0.00 ? 23 A A C2     1 
ATOM 739 N N3     . A A 1 23 ? -3.711  -8.626  1.911   1.00 0.00 ? 23 A A N3     1 
ATOM 740 C C4     . A A 1 23 ? -4.102  -7.477  2.546   1.00 0.00 ? 23 A A C4     1 
ATOM 741 H "H5'"  . A A 1 23 ? -9.984  -6.583  4.644   1.00 0.00 ? 23 A A "H5'"  1 
ATOM 742 H "H5''" . A A 1 23 ? -9.552  -7.615  6.014   1.00 0.00 ? 23 A A "H5''" 1 
ATOM 743 H "H4'"  . A A 1 23 ? -9.172  -8.656  3.754   1.00 0.00 ? 23 A A "H4'"  1 
ATOM 744 H "H3'"  . A A 1 23 ? -6.748  -8.246  5.549   1.00 0.00 ? 23 A A "H3'"  1 
ATOM 745 H "H2'"  . A A 1 23 ? -5.568  -9.657  3.912   1.00 0.00 ? 23 A A "H2'"  1 
ATOM 746 H "HO2'" . A A 1 23 ? -7.419  -11.053 3.575   1.00 0.00 ? 23 A A "HO2'" 1 
ATOM 747 H "H1'"  . A A 1 23 ? -6.579  -8.260  1.784   1.00 0.00 ? 23 A A "H1'"  1 
ATOM 748 H H8     . A A 1 23 ? -6.009  -5.455  4.170   1.00 0.00 ? 23 A A H8     1 
ATOM 749 H H61    . A A 1 23 ? -0.161  -5.587  2.088   1.00 0.00 ? 23 A A H61    1 
ATOM 750 H H62    . A A 1 23 ? -1.368  -4.588  2.890   1.00 0.00 ? 23 A A H62    1 
ATOM 751 H H2     . A A 1 23 ? -2.048  -9.460  1.039   1.00 0.00 ? 23 A A H2     1 
ATOM 752 P P      . C A 1 24 ? -7.259  -10.649 6.888   1.00 0.00 ? 24 C A P      1 
ATOM 753 O OP1    . C A 1 24 ? -8.070  -11.827 7.271   1.00 0.00 ? 24 C A OP1    1 
ATOM 754 O OP2    . C A 1 24 ? -7.014  -9.580  7.880   1.00 0.00 ? 24 C A OP2    1 
ATOM 755 O "O5'"  . C A 1 24 ? -5.824  -11.169 6.361   1.00 0.00 ? 24 C A "O5'"  1 
ATOM 756 C "C5'"  . C A 1 24 ? -5.648  -12.389 5.662   1.00 0.00 ? 24 C A "C5'"  1 
ATOM 757 C "C4'"  . C A 1 24 ? -4.176  -12.550 5.242   1.00 0.00 ? 24 C A "C4'"  1 
ATOM 758 O "O4'"  . C A 1 24 ? -3.784  -11.557 4.301   1.00 0.00 ? 24 C A "O4'"  1 
ATOM 759 C "C3'"  . C A 1 24 ? -3.179  -12.445 6.400   1.00 0.00 ? 24 C A "C3'"  1 
ATOM 760 O "O3'"  . C A 1 24 ? -3.113  -13.628 7.189   1.00 0.00 ? 24 C A "O3'"  1 
ATOM 761 C "C2'"  . C A 1 24 ? -1.905  -12.154 5.609   1.00 0.00 ? 24 C A "C2'"  1 
ATOM 762 O "O2'"  . C A 1 24 ? -1.366  -13.326 5.023   1.00 0.00 ? 24 C A "O2'"  1 
ATOM 763 C "C1'"  . C A 1 24 ? -2.417  -11.209 4.513   1.00 0.00 ? 24 C A "C1'"  1 
ATOM 764 N N1     . C A 1 24 ? -2.238  -9.775  4.920   1.00 0.00 ? 24 C A N1     1 
ATOM 765 C C2     . C A 1 24 ? -0.974  -9.181  4.749   1.00 0.00 ? 24 C A C2     1 
ATOM 766 O O2     . C A 1 24 ? -0.018  -9.835  4.338   1.00 0.00 ? 24 C A O2     1 
ATOM 767 N N3     . C A 1 24 ? -0.822  -7.853  5.058   1.00 0.00 ? 24 C A N3     1 
ATOM 768 C C4     . C A 1 24 ? -1.851  -7.124  5.525   1.00 0.00 ? 24 C A C4     1 
ATOM 769 N N4     . C A 1 24 ? -1.651  -5.830  5.784   1.00 0.00 ? 24 C A N4     1 
ATOM 770 C C5     . C A 1 24 ? -3.152  -7.712  5.724   1.00 0.00 ? 24 C A C5     1 
ATOM 771 C C6     . C A 1 24 ? -3.284  -9.027  5.424   1.00 0.00 ? 24 C A C6     1 
ATOM 772 H "H5'"  . C A 1 24 ? -6.278  -12.414 4.772   1.00 0.00 ? 24 C A "H5'"  1 
ATOM 773 H "H5''" . C A 1 24 ? -5.919  -13.224 6.310   1.00 0.00 ? 24 C A "H5''" 1 
ATOM 774 H "H4'"  . C A 1 24 ? -4.059  -13.523 4.758   1.00 0.00 ? 24 C A "H4'"  1 
ATOM 775 H "H3'"  . C A 1 24 ? -3.426  -11.574 7.013   1.00 0.00 ? 24 C A "H3'"  1 
ATOM 776 H "H2'"  . C A 1 24 ? -1.154  -11.684 6.231   1.00 0.00 ? 24 C A "H2'"  1 
ATOM 777 H "HO2'" . C A 1 24 ? -0.533  -13.100 4.602   1.00 0.00 ? 24 C A "HO2'" 1 
ATOM 778 H "H1'"  . C A 1 24 ? -1.888  -11.382 3.574   1.00 0.00 ? 24 C A "H1'"  1 
ATOM 779 H H41    . C A 1 24 ? -0.732  -5.435  5.654   1.00 0.00 ? 24 C A H41    1 
ATOM 780 H H42    . C A 1 24 ? -2.414  -5.256  6.111   1.00 0.00 ? 24 C A H42    1 
ATOM 781 H H5     . C A 1 24 ? -4.035  -7.162  6.017   1.00 0.00 ? 24 C A H5     1 
ATOM 782 H H6     . C A 1 24 ? -4.240  -9.480  5.600   1.00 0.00 ? 24 C A H6     1 
ATOM 783 P P      . C A 1 25 ? -2.464  -13.649 8.677   1.00 0.00 ? 25 C A P      1 
ATOM 784 O OP1    . C A 1 25 ? -2.566  -15.032 9.192   1.00 0.00 ? 25 C A OP1    1 
ATOM 785 O OP2    . C A 1 25 ? -3.067  -12.539 9.448   1.00 0.00 ? 25 C A OP2    1 
ATOM 786 O "O5'"  . C A 1 25 ? -0.898  -13.303 8.464   1.00 0.00 ? 25 C A "O5'"  1 
ATOM 787 C "C5'"  . C A 1 25 ? 0.037   -14.251 7.975   1.00 0.00 ? 25 C A "C5'"  1 
ATOM 788 C "C4'"  . C A 1 25 ? 1.357   -13.561 7.597   1.00 0.00 ? 25 C A "C4'"  1 
ATOM 789 O "O4'"  . C A 1 25 ? 1.123   -12.535 6.639   1.00 0.00 ? 25 C A "O4'"  1 
ATOM 790 C "C3'"  . C A 1 25 ? 2.137   -12.876 8.728   1.00 0.00 ? 25 C A "C3'"  1 
ATOM 791 O "O3'"  . C A 1 25 ? 2.899   -13.741 9.566   1.00 0.00 ? 25 C A "O3'"  1 
ATOM 792 C "C2'"  . C A 1 25 ? 3.052   -11.990 7.878   1.00 0.00 ? 25 C A "C2'"  1 
ATOM 793 O "O2'"  . C A 1 25 ? 4.112   -12.723 7.285   1.00 0.00 ? 25 C A "O2'"  1 
ATOM 794 C "C1'"  . C A 1 25 ? 2.082   -11.497 6.800   1.00 0.00 ? 25 C A "C1'"  1 
ATOM 795 N N1     . C A 1 25 ? 1.502   -10.177 7.216   1.00 0.00 ? 25 C A N1     1 
ATOM 796 C C2     . C A 1 25 ? 2.305   -9.038  7.037   1.00 0.00 ? 25 C A C2     1 
ATOM 797 O O2     . C A 1 25 ? 3.449   -9.131  6.600   1.00 0.00 ? 25 C A O2     1 
ATOM 798 N N3     . C A 1 25 ? 1.809   -7.816  7.387   1.00 0.00 ? 25 C A N3     1 
ATOM 799 C C4     . C A 1 25 ? 0.598   -7.690  7.949   1.00 0.00 ? 25 C A C4     1 
ATOM 800 N N4     . C A 1 25 ? 0.187   -6.463  8.281   1.00 0.00 ? 25 C A N4     1 
ATOM 801 C C5     . C A 1 25 ? -0.211  -8.847  8.240   1.00 0.00 ? 25 C A C5     1 
ATOM 802 C C6     . C A 1 25 ? 0.284   -10.056 7.862   1.00 0.00 ? 25 C A C6     1 
ATOM 803 H "H5'"  . C A 1 25 ? -0.359  -14.736 7.081   1.00 0.00 ? 25 C A "H5'"  1 
ATOM 804 H "H5''" . C A 1 25 ? 0.222   -15.019 8.725   1.00 0.00 ? 25 C A "H5''" 1 
ATOM 805 H "H4'"  . C A 1 25 ? 2.005   -14.310 7.135   1.00 0.00 ? 25 C A "H4'"  1 
ATOM 806 H "H3'"  . C A 1 25 ? 1.467   -12.234 9.306   1.00 0.00 ? 25 C A "H3'"  1 
ATOM 807 H "H2'"  . C A 1 25 ? 3.472   -11.163 8.441   1.00 0.00 ? 25 C A "H2'"  1 
ATOM 808 H "HO2'" . C A 1 25 ? 4.635   -12.123 6.748   1.00 0.00 ? 25 C A "HO2'" 1 
ATOM 809 H "H1'"  . C A 1 25 ? 2.592   -11.381 5.841   1.00 0.00 ? 25 C A "H1'"  1 
ATOM 810 H H41    . C A 1 25 ? 0.794   -5.680  8.078   1.00 0.00 ? 25 C A H41    1 
ATOM 811 H H42    . C A 1 25 ? -0.711  -6.325  8.718   1.00 0.00 ? 25 C A H42    1 
ATOM 812 H H5     . C A 1 25 ? -1.169  -8.793  8.739   1.00 0.00 ? 25 C A H5     1 
ATOM 813 H H6     . C A 1 25 ? -0.292  -10.932 8.101   1.00 0.00 ? 25 C A H6     1 
ATOM 814 P P      . A A 1 26 ? 2.490   -14.045 11.104  1.00 0.00 ? 26 A A P      1 
ATOM 815 O OP1    . A A 1 26 ? 3.545   -14.892 11.702  1.00 0.00 ? 26 A A OP1    1 
ATOM 816 O OP2    . A A 1 26 ? 1.085   -14.508 11.119  1.00 0.00 ? 26 A A OP2    1 
ATOM 817 O "O5'"  . A A 1 26 ? 2.534   -12.583 11.803  1.00 0.00 ? 26 A A "O5'"  1 
ATOM 818 C "C5'"  . A A 1 26 ? 3.645   -12.069 12.532  1.00 0.00 ? 26 A A "C5'"  1 
ATOM 819 C "C4'"  . A A 1 26 ? 4.970   -11.984 11.746  1.00 0.00 ? 26 A A "C4'"  1 
ATOM 820 O "O4'"  . A A 1 26 ? 4.793   -11.535 10.413  1.00 0.00 ? 26 A A "O4'"  1 
ATOM 821 C "C3'"  . A A 1 26 ? 5.991   -11.046 12.411  1.00 0.00 ? 26 A A "C3'"  1 
ATOM 822 O "O3'"  . A A 1 26 ? 7.029   -11.773 13.063  1.00 0.00 ? 26 A A "O3'"  1 
ATOM 823 C "C2'"  . A A 1 26 ? 6.525   -10.223 11.233  1.00 0.00 ? 26 A A "C2'"  1 
ATOM 824 O "O2'"  . A A 1 26 ? 7.644   -10.854 10.632  1.00 0.00 ? 26 A A "O2'"  1 
ATOM 825 C "C1'"  . A A 1 26 ? 5.358   -10.249 10.239  1.00 0.00 ? 26 A A "C1'"  1 
ATOM 826 N N9     . A A 1 26 ? 4.319   -9.203  10.459  1.00 0.00 ? 26 A A N9     1 
ATOM 827 C C8     . A A 1 26 ? 2.955   -9.367  10.568  1.00 0.00 ? 26 A A C8     1 
ATOM 828 N N7     . A A 1 26 ? 2.272   -8.263  10.628  1.00 0.00 ? 26 A A N7     1 
ATOM 829 C C5     . A A 1 26 ? 3.244   -7.279  10.528  1.00 0.00 ? 26 A A C5     1 
ATOM 830 C C6     . A A 1 26 ? 3.184   -5.865  10.520  1.00 0.00 ? 26 A A C6     1 
ATOM 831 N N6     . A A 1 26 ? 2.031   -5.198  10.627  1.00 0.00 ? 26 A A N6     1 
ATOM 832 N N1     . A A 1 26 ? 4.334   -5.158  10.423  1.00 0.00 ? 26 A A N1     1 
ATOM 833 C C2     . A A 1 26 ? 5.492   -5.820  10.328  1.00 0.00 ? 26 A A C2     1 
ATOM 834 N N3     . A A 1 26 ? 5.679   -7.145  10.311  1.00 0.00 ? 26 A A N3     1 
ATOM 835 C C4     . A A 1 26 ? 4.501   -7.837  10.421  1.00 0.00 ? 26 A A C4     1 
ATOM 836 H "H5'"  . A A 1 26 ? 3.801   -12.666 13.432  1.00 0.00 ? 26 A A "H5'"  1 
ATOM 837 H "H5''" . A A 1 26 ? 3.349   -11.069 12.850  1.00 0.00 ? 26 A A "H5''" 1 
ATOM 838 H "H4'"  . A A 1 26 ? 5.392   -12.980 11.691  1.00 0.00 ? 26 A A "H4'"  1 
ATOM 839 H "H3'"  . A A 1 26 ? 5.460   -10.381 13.092  1.00 0.00 ? 26 A A "H3'"  1 
ATOM 840 H "H2'"  . A A 1 26 ? 6.820   -9.217  11.526  1.00 0.00 ? 26 A A "H2'"  1 
ATOM 841 H "HO2'" . A A 1 26 ? 8.265   -11.085 11.326  1.00 0.00 ? 26 A A "HO2'" 1 
ATOM 842 H "H1'"  . A A 1 26 ? 5.716   -10.142 9.213   1.00 0.00 ? 26 A A "H1'"  1 
ATOM 843 H H8     . A A 1 26 ? 2.468   -10.329 10.590  1.00 0.00 ? 26 A A H8     1 
ATOM 844 H H61    . A A 1 26 ? 2.031   -4.189  10.650  1.00 0.00 ? 26 A A H61    1 
ATOM 845 H H62    . A A 1 26 ? 1.165   -5.708  10.702  1.00 0.00 ? 26 A A H62    1 
ATOM 846 H H2     . A A 1 26 ? 6.375   -5.202  10.239  1.00 0.00 ? 26 A A H2     1 
ATOM 847 P P      . C A 1 27 ? 7.522   -11.439 14.564  1.00 0.00 ? 27 C A P      1 
ATOM 848 O OP1    . C A 1 27 ? 8.674   -12.315 14.874  1.00 0.00 ? 27 C A OP1    1 
ATOM 849 O OP2    . C A 1 27 ? 6.332   -11.454 15.442  1.00 0.00 ? 27 C A OP2    1 
ATOM 850 O "O5'"  . C A 1 27 ? 8.048   -9.917  14.463  1.00 0.00 ? 27 C A "O5'"  1 
ATOM 851 C "C5'"  . C A 1 27 ? 9.288   -9.560  13.877  1.00 0.00 ? 27 C A "C5'"  1 
ATOM 852 C "C4'"  . C A 1 27 ? 9.408   -8.028  13.786  1.00 0.00 ? 27 C A "C4'"  1 
ATOM 853 O "O4'"  . C A 1 27 ? 8.510   -7.479  12.833  1.00 0.00 ? 27 C A "O4'"  1 
ATOM 854 C "C3'"  . C A 1 27 ? 9.122   -7.306  15.108  1.00 0.00 ? 27 C A "C3'"  1 
ATOM 855 O "O3'"  . C A 1 27 ? 10.247  -7.340  15.974  1.00 0.00 ? 27 C A "O3'"  1 
ATOM 856 C "C2'"  . C A 1 27 ? 8.770   -5.908  14.595  1.00 0.00 ? 27 C A "C2'"  1 
ATOM 857 O "O2'"  . C A 1 27 ? 9.928   -5.156  14.275  1.00 0.00 ? 27 C A "O2'"  1 
ATOM 858 C "C1'"  . C A 1 27 ? 7.993   -6.239  13.311  1.00 0.00 ? 27 C A "C1'"  1 
ATOM 859 N N1     . C A 1 27 ? 6.513   -6.295  13.553  1.00 0.00 ? 27 C A N1     1 
ATOM 860 C C2     . C A 1 27 ? 5.801   -5.084  13.607  1.00 0.00 ? 27 C A C2     1 
ATOM 861 O O2     . C A 1 27 ? 6.383   -4.001  13.596  1.00 0.00 ? 27 C A O2     1 
ATOM 862 N N3     . C A 1 27 ? 4.435   -5.128  13.663  1.00 0.00 ? 27 C A N3     1 
ATOM 863 C C4     . C A 1 27 ? 3.770   -6.295  13.689  1.00 0.00 ? 27 C A C4     1 
ATOM 864 N N4     . C A 1 27 ? 2.436   -6.249  13.675  1.00 0.00 ? 27 C A N4     1 
ATOM 865 C C5     . C A 1 27 ? 4.472   -7.556  13.684  1.00 0.00 ? 27 C A C5     1 
ATOM 866 C C6     . C A 1 27 ? 5.827   -7.493  13.624  1.00 0.00 ? 27 C A C6     1 
ATOM 867 H "H5'"  . C A 1 27 ? 9.378   -9.983  12.875  1.00 0.00 ? 27 C A "H5'"  1 
ATOM 868 H "H5''" . C A 1 27 ? 10.101  -9.942  14.496  1.00 0.00 ? 27 C A "H5''" 1 
ATOM 869 H "H4'"  . C A 1 27 ? 10.417  -7.782  13.452  1.00 0.00 ? 27 C A "H4'"  1 
ATOM 870 H "H3'"  . C A 1 27 ? 8.234   -7.734  15.578  1.00 0.00 ? 27 C A "H3'"  1 
ATOM 871 H "H2'"  . C A 1 27 ? 8.174   -5.349  15.314  1.00 0.00 ? 27 C A "H2'"  1 
ATOM 872 H "HO2'" . C A 1 27 ? 10.457  -5.653  13.646  1.00 0.00 ? 27 C A "HO2'" 1 
ATOM 873 H "H1'"  . C A 1 27 ? 8.190   -5.489  12.541  1.00 0.00 ? 27 C A "H1'"  1 
ATOM 874 H H41    . C A 1 27 ? 1.988   -5.341  13.627  1.00 0.00 ? 27 C A H41    1 
ATOM 875 H H42    . C A 1 27 ? 1.892   -7.098  13.669  1.00 0.00 ? 27 C A H42    1 
ATOM 876 H H5     . C A 1 27 ? 3.998   -8.534  13.675  1.00 0.00 ? 27 C A H5     1 
ATOM 877 H H6     . C A 1 27 ? 6.373   -8.415  13.614  1.00 0.00 ? 27 C A H6     1 
ATOM 878 P P      . C A 1 28 ? 10.107  -7.188  17.577  1.00 0.00 ? 28 C A P      1 
ATOM 879 O OP1    . C A 1 28 ? 11.469  -7.184  18.155  1.00 0.00 ? 28 C A OP1    1 
ATOM 880 O OP2    . C A 1 28 ? 9.121   -8.188  18.042  1.00 0.00 ? 28 C A OP2    1 
ATOM 881 O "O5'"  . C A 1 28 ? 9.460   -5.724  17.783  1.00 0.00 ? 28 C A "O5'"  1 
ATOM 882 C "C5'"  . C A 1 28 ? 10.224  -4.532  17.708  1.00 0.00 ? 28 C A "C5'"  1 
ATOM 883 C "C4'"  . C A 1 28 ? 9.308   -3.313  17.897  1.00 0.00 ? 28 C A "C4'"  1 
ATOM 884 O "O4'"  . C A 1 28 ? 8.329   -3.238  16.874  1.00 0.00 ? 28 C A "O4'"  1 
ATOM 885 C "C3'"  . C A 1 28 ? 8.520   -3.334  19.208  1.00 0.00 ? 28 C A "C3'"  1 
ATOM 886 O "O3'"  . C A 1 28 ? 9.328   -2.978  20.323  1.00 0.00 ? 28 C A "O3'"  1 
ATOM 887 C "C2'"  . C A 1 28 ? 7.415   -2.328  18.880  1.00 0.00 ? 28 C A "C2'"  1 
ATOM 888 O "O2'"  . C A 1 28 ? 7.847   -0.996  19.094  1.00 0.00 ? 28 C A "O2'"  1 
ATOM 889 C "C1'"  . C A 1 28 ? 7.177   -2.578  17.381  1.00 0.00 ? 28 C A "C1'"  1 
ATOM 890 N N1     . C A 1 28 ? 5.931   -3.380  17.170  1.00 0.00 ? 28 C A N1     1 
ATOM 891 C C2     . C A 1 28 ? 4.710   -2.690  17.089  1.00 0.00 ? 28 C A C2     1 
ATOM 892 O O2     . C A 1 28 ? 4.657   -1.470  17.216  1.00 0.00 ? 28 C A O2     1 
ATOM 893 N N3     . C A 1 28 ? 3.564   -3.402  16.880  1.00 0.00 ? 28 C A N3     1 
ATOM 894 C C4     . C A 1 28 ? 3.578   -4.743  16.812  1.00 0.00 ? 28 C A C4     1 
ATOM 895 N N4     . C A 1 28 ? 2.416   -5.374  16.641  1.00 0.00 ? 28 C A N4     1 
ATOM 896 C C5     . C A 1 28 ? 4.805   -5.486  16.964  1.00 0.00 ? 28 C A C5     1 
ATOM 897 C C6     . C A 1 28 ? 5.945   -4.764  17.139  1.00 0.00 ? 28 C A C6     1 
ATOM 898 H "H5'"  . C A 1 28 ? 10.725  -4.459  16.742  1.00 0.00 ? 28 C A "H5'"  1 
ATOM 899 H "H5''" . C A 1 28 ? 10.978  -4.527  18.498  1.00 0.00 ? 28 C A "H5''" 1 
ATOM 900 H "H4'"  . C A 1 28 ? 9.913   -2.404  17.852  1.00 0.00 ? 28 C A "H4'"  1 
ATOM 901 H "H3'"  . C A 1 28 ? 8.073   -4.320  19.352  1.00 0.00 ? 28 C A "H3'"  1 
ATOM 902 H "H2'"  . C A 1 28 ? 6.523   -2.510  19.482  1.00 0.00 ? 28 C A "H2'"  1 
ATOM 903 H "HO2'" . C A 1 28 ? 8.009   -0.885  20.035  1.00 0.00 ? 28 C A "HO2'" 1 
ATOM 904 H "H1'"  . C A 1 28 ? 7.106   -1.628  16.844  1.00 0.00 ? 28 C A "H1'"  1 
ATOM 905 H H41    . C A 1 28 ? 1.577   -4.821  16.529  1.00 0.00 ? 28 C A H41    1 
ATOM 906 H H42    . C A 1 28 ? 2.382   -6.381  16.593  1.00 0.00 ? 28 C A H42    1 
ATOM 907 H H5     . C A 1 28 ? 4.854   -6.565  16.942  1.00 0.00 ? 28 C A H5     1 
ATOM 908 H H6     . C A 1 28 ? 6.874   -5.297  17.269  1.00 0.00 ? 28 C A H6     1 
ATOM 909 P P      . A A 1 29 ? 8.773   -3.044  21.839  1.00 0.00 ? 29 A A P      1 
ATOM 910 O OP1    . A A 1 29 ? 9.860   -2.619  22.747  1.00 0.00 ? 29 A A OP1    1 
ATOM 911 O OP2    . A A 1 29 ? 8.133   -4.366  22.032  1.00 0.00 ? 29 A A OP2    1 
ATOM 912 O "O5'"  . A A 1 29 ? 7.628   -1.904  21.861  1.00 0.00 ? 29 A A "O5'"  1 
ATOM 913 C "C5'"  . A A 1 29 ? 6.467   -2.025  22.664  1.00 0.00 ? 29 A A "C5'"  1 
ATOM 914 C "C4'"  . A A 1 29 ? 5.513   -0.854  22.391  1.00 0.00 ? 29 A A "C4'"  1 
ATOM 915 O "O4'"  . A A 1 29 ? 5.121   -0.803  21.025  1.00 0.00 ? 29 A A "O4'"  1 
ATOM 916 C "C3'"  . A A 1 29 ? 4.219   -0.972  23.204  1.00 0.00 ? 29 A A "C3'"  1 
ATOM 917 O "O3'"  . A A 1 29 ? 4.335   -0.450  24.513  1.00 0.00 ? 29 A A "O3'"  1 
ATOM 918 C "C2'"  . A A 1 29 ? 3.246   -0.182  22.334  1.00 0.00 ? 29 A A "C2'"  1 
ATOM 919 O "O2'"  . A A 1 29 ? 3.415   1.214   22.509  1.00 0.00 ? 29 A A "O2'"  1 
ATOM 920 C "C1'"  . A A 1 29 ? 3.718   -0.593  20.931  1.00 0.00 ? 29 A A "C1'"  1 
ATOM 921 N N9     . A A 1 29 ? 3.040   -1.835  20.470  1.00 0.00 ? 29 A A N9     1 
ATOM 922 C C8     . A A 1 29 ? 3.554   -3.100  20.287  1.00 0.00 ? 29 A A C8     1 
ATOM 923 N N7     . A A 1 29 ? 2.697   -3.972  19.836  1.00 0.00 ? 29 A A N7     1 
ATOM 924 C C5     . A A 1 29 ? 1.521   -3.242  19.705  1.00 0.00 ? 29 A A C5     1 
ATOM 925 C C6     . A A 1 29 ? 0.212   -3.566  19.260  1.00 0.00 ? 29 A A C6     1 
ATOM 926 N N6     . A A 1 29 ? -0.130  -4.777  18.807  1.00 0.00 ? 29 A A N6     1 
ATOM 927 N N1     . A A 1 29 ? -0.747  -2.610  19.287  1.00 0.00 ? 29 A A N1     1 
ATOM 928 C C2     . A A 1 29 ? -0.427  -1.387  19.723  1.00 0.00 ? 29 A A C2     1 
ATOM 929 N N3     . A A 1 29 ? 0.766   -0.954  20.147  1.00 0.00 ? 29 A A N3     1 
ATOM 930 C C4     . A A 1 29 ? 1.715   -1.940  20.112  1.00 0.00 ? 29 A A C4     1 
ATOM 931 H "H5'"  . A A 1 29 ? 6.748   -2.021  23.719  1.00 0.00 ? 29 A A "H5'"  1 
ATOM 932 H "H5''" . A A 1 29 ? 5.950   -2.960  22.439  1.00 0.00 ? 29 A A "H5''" 1 
ATOM 933 H "H4'"  . A A 1 29 ? 6.011   0.089   22.629  1.00 0.00 ? 29 A A "H4'"  1 
ATOM 934 H "H3'"  . A A 1 29 ? 3.893   -2.013  23.253  1.00 0.00 ? 29 A A "H3'"  1 
ATOM 935 H "H2'"  . A A 1 29 ? 2.207   -0.447  22.537  1.00 0.00 ? 29 A A "H2'"  1 
ATOM 936 H "HO2'" . A A 1 29 ? 3.140   1.445   23.400  1.00 0.00 ? 29 A A "HO2'" 1 
ATOM 937 H "H1'"  . A A 1 29 ? 3.519   0.198   20.207  1.00 0.00 ? 29 A A "H1'"  1 
ATOM 938 H H8     . A A 1 29 ? 4.579   -3.362  20.492  1.00 0.00 ? 29 A A H8     1 
ATOM 939 H H61    . A A 1 29 ? -1.076  -4.939  18.498  1.00 0.00 ? 29 A A H61    1 
ATOM 940 H H62    . A A 1 29 ? 0.560   -5.512  18.765  1.00 0.00 ? 29 A A H62    1 
ATOM 941 H H2     . A A 1 29 ? -1.225  -0.660  19.724  1.00 0.00 ? 29 A A H2     1 
# 
